data_2ZON
#
_entry.id   2ZON
#
_cell.length_a   63.345
_cell.length_b   103.942
_cell.length_c   163.144
_cell.angle_alpha   90.00
_cell.angle_beta   90.00
_cell.angle_gamma   90.00
#
_symmetry.space_group_name_H-M   'P 21 21 21'
#
loop_
_entity.id
_entity.type
_entity.pdbx_description
1 polymer 'Dissimilatory copper-containing nitrite reductase'
2 polymer 'cytochrome c551'
3 non-polymer 'COPPER (II) ION'
4 non-polymer 'PROTOPORPHYRIN IX CONTAINING FE'
5 water water
#
loop_
_entity_poly.entity_id
_entity_poly.type
_entity_poly.pdbx_seq_one_letter_code
_entity_poly.pdbx_strand_id
1 'polypeptide(L)'
;QDADKLPHTKVTLVAPPQVHPHEQATKSGPKVVEFTMTIEEKKMVIDDKGTTLQAMTFNGSMPGPTLVVHEGDYVQLTLV
NPATNAMPHNVDFHGATGALGGAKLTNVNPGEQATLRFKADRSGTFVYHCAPEGMVPWHVVSGMSGTLMVLPRDGLKDPQ
GKPLHYDRAYTIGEFDLYIPKGPDGKYKDYATLAESYGDTVQVMRTLTPSHIVFNGKVGALTGANALTAKVGETVLLIHS
QANRDTRPHLIGGHGDWVWETGKFANPPQRDLETWFIRGGSAGAALYTFKQPGVYAYLNHNLIEAFELGAAGHIKVEGKW
NDDLMKQIKAPAPIPR
;
A,B,C
2 'polypeptide(L)'
;AADAPAQLDPAGEKLYRSACVVCHASGVANAPKLGDKQAWAPFLAQGADALLATVLKGKGAMPPRGGTAADEATLRAAVA
YMMDAAR
;
G
#
loop_
_chem_comp.id
_chem_comp.type
_chem_comp.name
_chem_comp.formula
CU non-polymer 'COPPER (II) ION' 'Cu 2'
HEM non-polymer 'PROTOPORPHYRIN IX CONTAINING FE' 'C34 H32 Fe N4 O4'
#
# COMPACT_ATOMS: atom_id res chain seq x y z
N ASP A 2 -31.40 17.28 -15.64
CA ASP A 2 -31.83 15.92 -16.07
C ASP A 2 -31.05 15.52 -17.33
N ALA A 3 -30.34 14.40 -17.23
CA ALA A 3 -29.37 13.97 -18.25
C ALA A 3 -29.95 13.90 -19.67
N ASP A 4 -31.20 13.47 -19.76
CA ASP A 4 -31.86 13.33 -21.05
C ASP A 4 -31.99 14.67 -21.80
N LYS A 5 -32.06 15.76 -21.05
CA LYS A 5 -32.21 17.11 -21.62
C LYS A 5 -30.89 17.79 -22.03
N LEU A 6 -29.76 17.16 -21.68
CA LEU A 6 -28.43 17.74 -21.88
C LEU A 6 -27.84 17.48 -23.27
N PRO A 7 -26.93 18.35 -23.74
CA PRO A 7 -26.29 18.07 -25.03
C PRO A 7 -25.48 16.76 -24.90
N HIS A 8 -25.43 15.98 -25.98
CA HIS A 8 -24.65 14.74 -26.00
C HIS A 8 -23.44 14.95 -26.89
N THR A 9 -22.27 14.56 -26.43
CA THR A 9 -21.06 14.64 -27.24
C THR A 9 -20.41 13.26 -27.36
N LYS A 10 -19.98 12.89 -28.56
CA LYS A 10 -19.29 11.60 -28.74
C LYS A 10 -17.79 11.87 -28.80
N VAL A 11 -17.05 11.14 -27.98
CA VAL A 11 -15.58 11.25 -27.95
C VAL A 11 -14.90 10.03 -28.53
N THR A 12 -13.91 10.27 -29.37
CA THR A 12 -13.10 9.21 -29.97
C THR A 12 -11.88 8.95 -29.08
N LEU A 13 -11.75 7.72 -28.60
CA LEU A 13 -10.69 7.40 -27.65
C LEU A 13 -9.38 7.22 -28.37
N VAL A 14 -8.26 7.41 -27.66
CA VAL A 14 -6.91 7.18 -28.19
C VAL A 14 -6.14 6.19 -27.32
N ALA A 15 -5.16 5.51 -27.92
CA ALA A 15 -4.40 4.47 -27.23
C ALA A 15 -3.44 5.09 -26.25
N PRO A 16 -3.32 4.50 -25.03
CA PRO A 16 -2.23 4.84 -24.13
C PRO A 16 -0.85 4.79 -24.82
N PRO A 17 0.13 5.62 -24.39
CA PRO A 17 0.08 6.53 -23.26
C PRO A 17 -0.55 7.88 -23.55
N GLN A 18 -1.04 8.10 -24.77
CA GLN A 18 -1.69 9.38 -25.05
C GLN A 18 -3.06 9.41 -24.38
N VAL A 19 -3.63 10.61 -24.25
CA VAL A 19 -4.96 10.80 -23.72
C VAL A 19 -5.74 11.64 -24.74
N HIS A 20 -7.00 11.29 -24.99
CA HIS A 20 -7.81 12.00 -25.97
C HIS A 20 -7.83 13.51 -25.71
N PRO A 21 -7.90 14.32 -26.79
CA PRO A 21 -7.97 15.79 -26.61
C PRO A 21 -9.16 16.18 -25.70
N HIS A 22 -8.92 17.12 -24.77
CA HIS A 22 -9.93 17.63 -23.82
C HIS A 22 -9.51 19.13 -23.63
N GLU A 23 -10.39 20.08 -23.34
CA GLU A 23 -10.49 20.94 -22.14
C GLU A 23 -10.10 20.65 -20.71
N GLN A 24 -9.29 21.56 -20.15
CA GLN A 24 -9.14 21.60 -18.71
C GLN A 24 -10.23 22.52 -18.17
N ALA A 25 -9.92 23.76 -17.81
CA ALA A 25 -10.97 24.70 -17.43
C ALA A 25 -11.91 24.91 -18.63
N THR A 26 -13.21 24.87 -18.38
CA THR A 26 -14.22 25.04 -19.43
C THR A 26 -15.34 25.95 -18.97
N LYS A 27 -15.94 26.67 -19.91
CA LYS A 27 -17.06 27.54 -19.58
C LYS A 27 -18.35 26.80 -19.87
N SER A 28 -18.24 25.62 -20.48
CA SER A 28 -19.40 24.78 -20.73
C SER A 28 -20.02 24.24 -19.44
N GLY A 29 -21.33 24.01 -19.48
CA GLY A 29 -22.04 23.35 -18.40
C GLY A 29 -22.05 21.84 -18.66
N PRO A 30 -22.69 21.10 -17.75
CA PRO A 30 -22.71 19.63 -17.85
C PRO A 30 -23.21 19.11 -19.19
N LYS A 31 -22.64 18.00 -19.63
CA LYS A 31 -23.14 17.29 -20.83
C LYS A 31 -23.05 15.79 -20.66
N VAL A 32 -23.71 15.05 -21.55
CA VAL A 32 -23.55 13.61 -21.62
C VAL A 32 -22.46 13.30 -22.63
N VAL A 33 -21.40 12.65 -22.15
CA VAL A 33 -20.23 12.33 -22.97
C VAL A 33 -20.25 10.84 -23.29
N GLU A 34 -20.39 10.53 -24.58
CA GLU A 34 -20.58 9.15 -25.02
C GLU A 34 -19.26 8.52 -25.44
N PHE A 35 -19.00 7.31 -24.93
CA PHE A 35 -17.79 6.57 -25.30
C PHE A 35 -18.19 5.15 -25.68
N THR A 36 -17.35 4.50 -26.50
CA THR A 36 -17.49 3.07 -26.79
C THR A 36 -16.16 2.36 -26.54
N MET A 37 -16.23 1.19 -25.92
CA MET A 37 -15.06 0.32 -25.82
C MET A 37 -15.48 -1.08 -26.21
N THR A 38 -14.54 -1.74 -26.89
CA THR A 38 -14.71 -3.11 -27.35
C THR A 38 -13.65 -3.97 -26.69
N ILE A 39 -14.11 -5.01 -25.99
CA ILE A 39 -13.20 -5.94 -25.30
C ILE A 39 -12.46 -6.82 -26.29
N GLU A 40 -11.17 -7.02 -26.03
CA GLU A 40 -10.37 -7.95 -26.83
C GLU A 40 -9.52 -8.86 -25.96
N GLU A 41 -9.83 -10.14 -25.99
CA GLU A 41 -8.96 -11.14 -25.38
C GLU A 41 -7.89 -11.47 -26.40
N LYS A 42 -6.64 -11.58 -25.96
CA LYS A 42 -5.55 -11.92 -26.87
C LYS A 42 -4.31 -12.35 -26.12
N LYS A 43 -3.55 -13.27 -26.72
CA LYS A 43 -2.25 -13.63 -26.20
C LYS A 43 -1.28 -12.52 -26.57
N MET A 44 -0.51 -12.05 -25.59
CA MET A 44 0.41 -10.93 -25.81
C MET A 44 1.79 -11.31 -25.32
N VAL A 45 2.83 -10.91 -26.04
CA VAL A 45 4.19 -11.10 -25.56
C VAL A 45 4.57 -9.97 -24.60
N ILE A 46 4.92 -10.31 -23.37
CA ILE A 46 5.05 -9.27 -22.34
C ILE A 46 6.49 -8.95 -21.90
N ASP A 47 7.47 -9.69 -22.42
CA ASP A 47 8.85 -9.34 -22.13
C ASP A 47 9.78 -9.58 -23.31
N ASP A 48 11.07 -9.36 -23.04
CA ASP A 48 12.17 -9.44 -23.99
C ASP A 48 12.51 -10.89 -24.33
N LYS A 49 11.99 -11.83 -23.54
CA LYS A 49 12.37 -13.23 -23.63
C LYS A 49 11.25 -14.11 -24.17
N GLY A 50 10.30 -13.50 -24.88
CA GLY A 50 9.22 -14.22 -25.54
C GLY A 50 8.12 -14.75 -24.64
N THR A 51 8.10 -14.35 -23.36
CA THR A 51 7.06 -14.81 -22.43
C THR A 51 5.72 -14.28 -22.86
N THR A 52 4.70 -15.13 -22.83
CA THR A 52 3.36 -14.70 -23.25
C THR A 52 2.39 -14.65 -22.09
N LEU A 53 1.42 -13.76 -22.23
CA LEU A 53 0.31 -13.67 -21.29
C LEU A 53 -0.98 -13.91 -22.07
N GLN A 54 -1.82 -14.78 -21.54
CA GLN A 54 -3.21 -14.87 -21.99
C GLN A 54 -3.99 -13.69 -21.41
N ALA A 55 -4.06 -12.62 -22.19
CA ALA A 55 -4.47 -11.31 -21.69
C ALA A 55 -5.91 -10.97 -22.04
N MET A 56 -6.46 -10.02 -21.29
CA MET A 56 -7.79 -9.53 -21.55
C MET A 56 -7.72 -8.02 -21.50
N THR A 57 -8.31 -7.36 -22.48
CA THR A 57 -8.18 -5.90 -22.58
C THR A 57 -9.47 -5.18 -22.93
N PHE A 58 -9.54 -3.91 -22.50
CA PHE A 58 -10.48 -2.95 -23.07
C PHE A 58 -9.79 -2.27 -24.26
N ASN A 59 -10.43 -2.35 -25.42
CA ASN A 59 -9.93 -1.68 -26.63
C ASN A 59 -8.58 -2.13 -27.19
N GLY A 60 -8.14 -3.33 -26.79
CA GLY A 60 -6.89 -3.91 -27.32
C GLY A 60 -5.61 -3.49 -26.63
N SER A 61 -5.73 -2.69 -25.58
CA SER A 61 -4.55 -2.14 -24.91
C SER A 61 -4.57 -2.42 -23.41
N MET A 62 -3.38 -2.52 -22.83
CA MET A 62 -3.17 -2.47 -21.39
C MET A 62 -2.36 -1.20 -21.11
N PRO A 63 -2.92 -0.24 -20.35
CA PRO A 63 -4.28 -0.22 -19.79
C PRO A 63 -5.26 0.10 -20.91
N GLY A 64 -6.55 -0.01 -20.62
CA GLY A 64 -7.57 0.59 -21.47
C GLY A 64 -7.31 2.09 -21.61
N PRO A 65 -7.95 2.72 -22.59
CA PRO A 65 -7.77 4.16 -22.83
C PRO A 65 -8.31 4.95 -21.66
N THR A 66 -7.74 6.14 -21.47
CA THR A 66 -8.25 7.07 -20.46
C THR A 66 -9.42 7.87 -21.01
N LEU A 67 -10.49 7.95 -20.21
CA LEU A 67 -11.71 8.69 -20.56
C LEU A 67 -11.69 9.98 -19.74
N VAL A 68 -11.82 11.15 -20.37
CA VAL A 68 -11.78 12.47 -19.69
C VAL A 68 -13.21 12.97 -19.84
N VAL A 69 -13.89 13.24 -18.73
CA VAL A 69 -14.80 14.35 -18.59
C VAL A 69 -14.59 15.42 -17.53
N HIS A 70 -15.62 16.26 -17.35
CA HIS A 70 -15.66 17.26 -16.27
C HIS A 70 -16.67 16.95 -15.18
N GLU A 71 -16.38 17.43 -13.97
CA GLU A 71 -17.25 17.19 -12.83
C GLU A 71 -18.70 17.61 -13.15
N GLY A 72 -19.63 16.70 -12.98
CA GLY A 72 -21.06 16.96 -13.27
C GLY A 72 -21.51 16.46 -14.64
N ASP A 73 -20.55 16.12 -15.51
CA ASP A 73 -20.88 15.45 -16.78
C ASP A 73 -21.47 14.06 -16.46
N TYR A 74 -22.18 13.49 -17.43
CA TYR A 74 -22.56 12.08 -17.34
C TYR A 74 -21.70 11.29 -18.31
N VAL A 75 -21.17 10.16 -17.86
CA VAL A 75 -20.42 9.27 -18.76
C VAL A 75 -21.44 8.26 -19.33
N GLN A 76 -21.49 8.11 -20.64
CA GLN A 76 -22.38 7.11 -21.23
C GLN A 76 -21.55 6.14 -22.08
N LEU A 77 -21.31 4.96 -21.52
CA LEU A 77 -20.38 4.02 -22.14
C LEU A 77 -21.14 2.88 -22.78
N THR A 78 -20.83 2.63 -24.05
CA THR A 78 -21.30 1.40 -24.69
C THR A 78 -20.16 0.39 -24.61
N LEU A 79 -20.43 -0.75 -23.99
CA LEU A 79 -19.41 -1.80 -23.81
C LEU A 79 -19.76 -2.97 -24.69
N VAL A 80 -18.86 -3.28 -25.62
CA VAL A 80 -19.06 -4.33 -26.63
C VAL A 80 -18.14 -5.53 -26.34
N ASN A 81 -18.73 -6.73 -26.31
CA ASN A 81 -18.00 -7.97 -26.13
C ASN A 81 -18.19 -8.83 -27.38
N PRO A 82 -17.30 -8.69 -28.39
CA PRO A 82 -17.46 -9.47 -29.64
C PRO A 82 -17.61 -10.97 -29.45
N ALA A 83 -18.34 -11.58 -30.37
CA ALA A 83 -18.55 -13.03 -30.38
C ALA A 83 -17.22 -13.79 -30.49
N THR A 84 -16.14 -13.11 -30.88
CA THR A 84 -14.83 -13.76 -30.99
C THR A 84 -14.14 -14.03 -29.64
N ASN A 85 -14.63 -13.37 -28.59
CA ASN A 85 -14.13 -13.61 -27.23
C ASN A 85 -14.72 -14.88 -26.62
N ALA A 86 -14.05 -15.42 -25.60
CA ALA A 86 -14.48 -16.63 -24.90
C ALA A 86 -15.17 -16.37 -23.57
N MET A 87 -14.85 -15.26 -22.91
CA MET A 87 -15.39 -15.02 -21.55
C MET A 87 -16.42 -13.90 -21.51
N PRO A 88 -17.36 -13.95 -20.54
CA PRO A 88 -18.19 -12.77 -20.25
C PRO A 88 -17.35 -11.70 -19.54
N HIS A 89 -17.79 -10.46 -19.65
CA HIS A 89 -17.08 -9.32 -19.06
C HIS A 89 -18.11 -8.31 -18.59
N ASN A 90 -17.63 -7.24 -17.95
CA ASN A 90 -18.49 -6.12 -17.57
C ASN A 90 -17.58 -4.92 -17.29
N VAL A 91 -18.11 -3.87 -16.64
CA VAL A 91 -17.23 -2.78 -16.23
C VAL A 91 -17.70 -2.18 -14.89
N ASP A 92 -16.71 -1.91 -14.03
CA ASP A 92 -16.89 -1.28 -12.69
C ASP A 92 -16.11 0.04 -12.79
N PHE A 93 -16.81 1.17 -12.73
CA PHE A 93 -16.15 2.47 -12.65
C PHE A 93 -16.10 2.90 -11.18
N HIS A 94 -14.89 3.05 -10.64
CA HIS A 94 -14.73 3.66 -9.31
C HIS A 94 -15.27 5.09 -9.23
N GLY A 95 -15.37 5.76 -10.38
CA GLY A 95 -15.92 7.12 -10.43
C GLY A 95 -17.43 7.20 -10.32
N ALA A 96 -18.10 6.03 -10.31
CA ALA A 96 -19.56 5.91 -10.39
C ALA A 96 -20.16 5.52 -9.05
N THR A 97 -21.46 5.81 -8.87
CA THR A 97 -22.15 5.50 -7.61
C THR A 97 -23.29 4.50 -7.85
N GLY A 98 -23.16 3.33 -7.26
CA GLY A 98 -24.22 2.31 -7.28
C GLY A 98 -23.88 1.06 -8.10
N ALA A 99 -24.65 0.00 -7.86
CA ALA A 99 -24.61 -1.23 -8.67
C ALA A 99 -23.19 -1.76 -8.89
N LEU A 100 -22.39 -1.76 -7.82
CA LEU A 100 -21.00 -2.24 -7.88
C LEU A 100 -20.19 -1.54 -8.97
N GLY A 101 -20.41 -0.23 -9.08
CA GLY A 101 -19.69 0.61 -10.02
C GLY A 101 -20.21 0.51 -11.45
N GLY A 102 -21.33 -0.18 -11.64
CA GLY A 102 -21.91 -0.44 -12.97
C GLY A 102 -21.77 -1.89 -13.37
N ALA A 103 -21.02 -2.67 -12.58
CA ALA A 103 -20.70 -4.06 -12.94
C ALA A 103 -21.99 -4.88 -13.04
N LYS A 104 -22.96 -4.58 -12.18
CA LYS A 104 -24.20 -5.35 -12.19
C LYS A 104 -25.05 -5.08 -13.40
N LEU A 105 -24.80 -3.95 -14.08
CA LEU A 105 -25.61 -3.51 -15.21
C LEU A 105 -24.98 -3.69 -16.59
N THR A 106 -23.78 -4.25 -16.63
CA THR A 106 -22.98 -4.31 -17.85
C THR A 106 -22.45 -5.73 -18.14
N ASN A 107 -23.12 -6.74 -17.59
CA ASN A 107 -22.73 -8.12 -17.83
C ASN A 107 -23.02 -8.51 -19.29
N VAL A 108 -21.96 -8.64 -20.05
CA VAL A 108 -22.04 -8.97 -21.48
C VAL A 108 -21.31 -10.26 -21.83
N ASN A 109 -22.07 -11.22 -22.35
CA ASN A 109 -21.51 -12.45 -22.90
C ASN A 109 -20.93 -12.17 -24.28
N PRO A 110 -20.03 -13.04 -24.78
CA PRO A 110 -19.56 -12.86 -26.16
C PRO A 110 -20.77 -12.72 -27.10
N GLY A 111 -20.69 -11.74 -28.00
CA GLY A 111 -21.78 -11.41 -28.91
C GLY A 111 -22.77 -10.38 -28.37
N GLU A 112 -22.54 -9.86 -27.16
CA GLU A 112 -23.48 -8.91 -26.55
C GLU A 112 -22.82 -7.55 -26.30
N GLN A 113 -23.66 -6.54 -26.15
CA GLN A 113 -23.24 -5.21 -25.72
C GLN A 113 -24.27 -4.59 -24.76
N ALA A 114 -23.84 -3.54 -24.05
CA ALA A 114 -24.69 -2.87 -23.10
C ALA A 114 -24.28 -1.41 -23.06
N THR A 115 -25.21 -0.56 -22.62
CA THR A 115 -24.93 0.87 -22.43
C THR A 115 -25.30 1.31 -21.01
N LEU A 116 -24.28 1.87 -20.34
CA LEU A 116 -24.39 2.40 -18.97
C LEU A 116 -24.25 3.91 -18.99
N ARG A 117 -25.10 4.61 -18.23
CA ARG A 117 -24.87 6.02 -17.96
C ARG A 117 -24.67 6.21 -16.45
N PHE A 118 -23.68 7.02 -16.09
CA PHE A 118 -23.55 7.45 -14.70
C PHE A 118 -23.09 8.89 -14.60
N LYS A 119 -23.42 9.52 -13.47
CA LYS A 119 -23.01 10.89 -13.22
C LYS A 119 -21.64 10.91 -12.59
N ALA A 120 -20.72 11.60 -13.26
CA ALA A 120 -19.36 11.76 -12.77
C ALA A 120 -19.33 13.00 -11.88
N ASP A 121 -19.87 12.85 -10.67
CA ASP A 121 -20.07 13.99 -9.77
C ASP A 121 -18.91 14.23 -8.80
N ARG A 122 -17.85 13.44 -8.95
CA ARG A 122 -16.66 13.63 -8.11
C ARG A 122 -15.40 13.79 -8.95
N SER A 123 -14.64 14.86 -8.70
CA SER A 123 -13.44 15.10 -9.52
C SER A 123 -12.28 14.18 -9.12
N GLY A 124 -11.45 13.82 -10.08
CA GLY A 124 -10.27 13.00 -9.78
C GLY A 124 -9.99 12.00 -10.90
N THR A 125 -8.86 11.30 -10.76
CA THR A 125 -8.55 10.13 -11.59
C THR A 125 -9.10 8.90 -10.85
N PHE A 126 -9.89 8.07 -11.53
CA PHE A 126 -10.51 6.88 -10.93
C PHE A 126 -10.20 5.66 -11.82
N VAL A 127 -9.85 4.53 -11.20
CA VAL A 127 -9.75 3.28 -11.94
C VAL A 127 -11.13 2.85 -12.47
N TYR A 128 -11.16 2.24 -13.66
CA TYR A 128 -12.26 1.38 -14.05
C TYR A 128 -11.66 0.01 -14.37
N HIS A 129 -12.45 -1.04 -14.19
CA HIS A 129 -11.93 -2.39 -14.45
C HIS A 129 -13.07 -3.37 -14.60
N CYS A 130 -12.77 -4.49 -15.25
CA CYS A 130 -13.74 -5.58 -15.39
C CYS A 130 -13.87 -6.25 -14.02
N ALA A 131 -15.08 -6.73 -13.71
CA ALA A 131 -15.34 -7.35 -12.42
C ALA A 131 -16.48 -8.39 -12.53
N PRO A 132 -16.26 -9.47 -13.32
CA PRO A 132 -17.33 -10.44 -13.44
C PRO A 132 -17.46 -11.22 -12.14
N GLU A 133 -18.66 -11.27 -11.56
CA GLU A 133 -18.85 -11.94 -10.27
C GLU A 133 -18.26 -13.34 -10.29
N GLY A 134 -17.38 -13.63 -9.34
CA GLY A 134 -16.80 -14.97 -9.21
C GLY A 134 -15.42 -15.13 -9.82
N MET A 135 -15.03 -14.20 -10.70
CA MET A 135 -13.72 -14.27 -11.34
C MET A 135 -13.03 -12.90 -11.44
N VAL A 136 -13.25 -12.08 -10.42
CA VAL A 136 -12.82 -10.68 -10.50
C VAL A 136 -11.30 -10.49 -10.64
N PRO A 137 -10.51 -11.05 -9.70
CA PRO A 137 -9.08 -10.76 -9.78
C PRO A 137 -8.44 -11.22 -11.07
N TRP A 138 -8.85 -12.39 -11.58
CA TRP A 138 -8.26 -12.87 -12.83
C TRP A 138 -8.41 -11.88 -13.97
N HIS A 139 -9.61 -11.31 -14.11
CA HIS A 139 -9.82 -10.35 -15.21
C HIS A 139 -8.99 -9.07 -15.06
N VAL A 140 -8.84 -8.61 -13.82
CA VAL A 140 -8.06 -7.41 -13.53
C VAL A 140 -6.57 -7.63 -13.81
N VAL A 141 -5.99 -8.68 -13.21
CA VAL A 141 -4.56 -8.96 -13.37
C VAL A 141 -4.18 -9.33 -14.82
N SER A 142 -5.16 -9.84 -15.58
CA SER A 142 -4.92 -10.20 -16.98
C SER A 142 -4.96 -9.00 -17.93
N GLY A 143 -5.31 -7.83 -17.39
CA GLY A 143 -5.22 -6.58 -18.16
C GLY A 143 -6.40 -5.64 -18.26
N MET A 144 -7.52 -5.99 -17.62
CA MET A 144 -8.77 -5.22 -17.84
C MET A 144 -8.96 -4.06 -16.87
N SER A 145 -8.21 -2.99 -17.09
CA SER A 145 -8.36 -1.77 -16.28
C SER A 145 -7.81 -0.56 -17.03
N GLY A 146 -8.23 0.61 -16.57
CA GLY A 146 -7.90 1.85 -17.21
C GLY A 146 -8.32 2.96 -16.27
N THR A 147 -8.28 4.20 -16.75
CA THR A 147 -8.59 5.35 -15.89
C THR A 147 -9.71 6.21 -16.46
N LEU A 148 -10.58 6.69 -15.57
CA LEU A 148 -11.52 7.78 -15.88
C LEU A 148 -10.98 9.04 -15.20
N MET A 149 -10.74 10.10 -15.95
CA MET A 149 -10.35 11.38 -15.32
C MET A 149 -11.51 12.36 -15.38
N VAL A 150 -11.89 12.84 -14.20
CA VAL A 150 -13.00 13.78 -14.02
C VAL A 150 -12.37 15.07 -13.57
N LEU A 151 -12.23 16.02 -14.50
CA LEU A 151 -11.59 17.30 -14.21
C LEU A 151 -12.55 18.28 -13.55
N PRO A 152 -12.06 19.10 -12.60
CA PRO A 152 -12.91 20.17 -12.10
C PRO A 152 -13.26 21.10 -13.25
N ARG A 153 -14.46 21.64 -13.23
CA ARG A 153 -14.92 22.47 -14.32
C ARG A 153 -14.00 23.68 -14.58
N ASP A 154 -13.34 24.23 -13.56
CA ASP A 154 -12.34 25.26 -13.89
C ASP A 154 -10.89 24.87 -13.72
N GLY A 155 -10.65 23.58 -13.88
CA GLY A 155 -9.31 23.05 -14.03
C GLY A 155 -8.68 22.74 -12.70
N LEU A 156 -7.45 22.23 -12.75
CA LEU A 156 -6.73 21.89 -11.52
C LEU A 156 -6.29 23.13 -10.73
N LYS A 157 -6.20 23.00 -9.42
CA LYS A 157 -5.80 24.10 -8.53
C LYS A 157 -4.79 23.63 -7.52
N ASP A 158 -3.89 24.53 -7.13
CA ASP A 158 -2.94 24.25 -6.03
C ASP A 158 -3.65 24.45 -4.66
N PRO A 159 -2.94 24.21 -3.53
CA PRO A 159 -3.61 24.26 -2.21
C PRO A 159 -4.14 25.64 -1.83
N GLN A 160 -3.65 26.68 -2.51
CA GLN A 160 -4.09 28.05 -2.27
C GLN A 160 -5.12 28.50 -3.31
N GLY A 161 -5.54 27.58 -4.19
CA GLY A 161 -6.53 27.89 -5.21
C GLY A 161 -5.95 28.47 -6.50
N LYS A 162 -4.64 28.51 -6.62
CA LYS A 162 -4.00 29.04 -7.84
C LYS A 162 -4.15 28.03 -8.99
N PRO A 163 -4.38 28.51 -10.22
CA PRO A 163 -4.64 27.61 -11.34
C PRO A 163 -3.38 26.83 -11.74
N LEU A 164 -3.56 25.54 -12.01
CA LEU A 164 -2.47 24.70 -12.53
C LEU A 164 -2.93 24.21 -13.89
N HIS A 165 -2.04 24.23 -14.89
CA HIS A 165 -2.39 23.85 -16.26
C HIS A 165 -1.28 22.95 -16.79
N TYR A 166 -1.65 21.86 -17.47
CA TYR A 166 -0.66 21.00 -18.09
C TYR A 166 -0.74 21.18 -19.60
N ASP A 167 0.39 21.00 -20.26
CA ASP A 167 0.46 21.12 -21.71
C ASP A 167 0.18 19.79 -22.40
N ARG A 168 0.45 18.71 -21.69
CA ARG A 168 0.19 17.38 -22.23
C ARG A 168 -0.07 16.40 -21.09
N ALA A 169 -0.87 15.38 -21.37
CA ALA A 169 -1.18 14.34 -20.40
C ALA A 169 -0.77 12.97 -20.93
N TYR A 170 -0.10 12.20 -20.06
CA TYR A 170 0.22 10.82 -20.38
C TYR A 170 -0.45 9.90 -19.38
N THR A 171 -0.83 8.71 -19.85
CA THR A 171 -1.46 7.72 -18.99
C THR A 171 -0.60 6.45 -18.95
N ILE A 172 -0.25 6.06 -17.73
CA ILE A 172 0.58 4.87 -17.47
C ILE A 172 -0.23 3.92 -16.58
N GLY A 173 -0.49 2.71 -17.08
CA GLY A 173 -1.17 1.68 -16.31
C GLY A 173 -0.11 0.66 -15.95
N GLU A 174 0.01 0.38 -14.66
CA GLU A 174 1.00 -0.57 -14.17
C GLU A 174 0.33 -1.90 -13.82
N PHE A 175 0.88 -3.00 -14.35
CA PHE A 175 0.23 -4.32 -14.30
C PHE A 175 1.14 -5.35 -13.68
N ASP A 176 0.73 -5.82 -12.50
CA ASP A 176 1.35 -6.93 -11.82
C ASP A 176 0.82 -8.20 -12.48
N LEU A 177 1.76 -8.98 -13.05
CA LEU A 177 1.44 -10.17 -13.84
C LEU A 177 1.86 -11.42 -13.07
N TYR A 178 1.13 -12.51 -13.28
CA TYR A 178 1.33 -13.75 -12.51
C TYR A 178 1.42 -14.94 -13.47
N ILE A 179 2.51 -15.00 -14.23
CA ILE A 179 2.65 -16.01 -15.28
C ILE A 179 3.26 -17.30 -14.70
N PRO A 180 2.54 -18.42 -14.87
CA PRO A 180 3.00 -19.70 -14.32
C PRO A 180 4.28 -20.20 -14.97
N LYS A 181 5.10 -20.92 -14.20
CA LYS A 181 6.24 -21.64 -14.75
C LYS A 181 5.89 -23.11 -14.73
N GLY A 182 6.51 -23.88 -15.63
CA GLY A 182 6.36 -25.32 -15.59
C GLY A 182 7.47 -25.91 -14.74
N PRO A 183 7.49 -27.25 -14.62
CA PRO A 183 8.50 -27.92 -13.80
C PRO A 183 9.94 -27.77 -14.34
N ASP A 184 10.06 -27.59 -15.66
CA ASP A 184 11.35 -27.30 -16.28
C ASP A 184 11.85 -25.88 -15.98
N GLY A 185 11.00 -25.10 -15.29
CA GLY A 185 11.37 -23.76 -14.84
C GLY A 185 11.11 -22.66 -15.86
N LYS A 186 10.46 -23.01 -16.97
CA LYS A 186 10.20 -22.07 -18.04
C LYS A 186 8.75 -21.58 -17.95
N TYR A 187 8.51 -20.35 -18.37
CA TYR A 187 7.16 -19.82 -18.38
C TYR A 187 6.27 -20.61 -19.33
N LYS A 188 5.06 -20.87 -18.87
CA LYS A 188 4.10 -21.64 -19.65
C LYS A 188 3.43 -20.79 -20.69
N ASP A 189 3.19 -21.41 -21.84
CA ASP A 189 2.43 -20.80 -22.91
C ASP A 189 1.16 -21.63 -23.03
N TYR A 190 0.02 -20.97 -23.15
CA TYR A 190 -1.28 -21.66 -23.17
C TYR A 190 -1.97 -21.44 -24.49
N ALA A 191 -2.67 -22.47 -24.96
CA ALA A 191 -3.42 -22.46 -26.21
C ALA A 191 -4.66 -21.60 -26.14
N THR A 192 -5.31 -21.55 -24.98
CA THR A 192 -6.53 -20.75 -24.82
C THR A 192 -6.48 -19.96 -23.53
N LEU A 193 -7.29 -18.91 -23.46
CA LEU A 193 -7.42 -18.09 -22.25
C LEU A 193 -7.81 -18.93 -21.01
N ALA A 194 -8.90 -19.69 -21.13
CA ALA A 194 -9.38 -20.48 -19.99
C ALA A 194 -8.37 -21.52 -19.49
N GLU A 195 -7.59 -22.12 -20.38
CA GLU A 195 -6.59 -23.11 -19.97
C GLU A 195 -5.47 -22.54 -19.09
N SER A 196 -5.35 -21.20 -19.08
CA SER A 196 -4.30 -20.55 -18.28
C SER A 196 -4.72 -20.33 -16.82
N TYR A 197 -6.01 -20.51 -16.54
CA TYR A 197 -6.55 -20.06 -15.26
C TYR A 197 -5.96 -20.74 -14.00
N GLY A 198 -6.07 -22.06 -13.95
CA GLY A 198 -5.70 -22.81 -12.77
C GLY A 198 -4.28 -22.55 -12.32
N ASP A 199 -3.34 -22.60 -13.26
CA ASP A 199 -1.96 -22.40 -12.90
C ASP A 199 -1.73 -20.93 -12.52
N THR A 200 -2.49 -20.03 -13.14
CA THR A 200 -2.33 -18.59 -12.85
C THR A 200 -2.81 -18.23 -11.43
N VAL A 201 -3.95 -18.78 -11.02
CA VAL A 201 -4.39 -18.54 -9.63
C VAL A 201 -3.41 -19.05 -8.58
N GLN A 202 -2.75 -20.18 -8.85
CA GLN A 202 -1.68 -20.65 -7.96
C GLN A 202 -0.63 -19.57 -7.77
N VAL A 203 -0.20 -18.95 -8.87
CA VAL A 203 0.83 -17.92 -8.78
C VAL A 203 0.26 -16.67 -8.07
N MET A 204 -0.96 -16.31 -8.44
CA MET A 204 -1.63 -15.17 -7.78
C MET A 204 -1.61 -15.31 -6.25
N ARG A 205 -1.93 -16.51 -5.76
CA ARG A 205 -2.00 -16.74 -4.31
C ARG A 205 -0.68 -16.54 -3.55
N THR A 206 0.46 -16.63 -4.25
CA THR A 206 1.77 -16.34 -3.64
C THR A 206 2.00 -14.84 -3.46
N LEU A 207 1.14 -14.02 -4.08
CA LEU A 207 1.21 -12.55 -4.02
C LEU A 207 2.53 -12.01 -4.58
N THR A 208 3.20 -12.82 -5.40
CA THR A 208 4.50 -12.42 -5.94
C THR A 208 4.39 -12.40 -7.45
N PRO A 209 4.38 -11.18 -8.05
CA PRO A 209 4.30 -11.08 -9.50
C PRO A 209 5.55 -11.64 -10.17
N SER A 210 5.36 -12.26 -11.31
CA SER A 210 6.46 -12.69 -12.17
C SER A 210 7.06 -11.51 -12.94
N HIS A 211 6.21 -10.54 -13.27
CA HIS A 211 6.56 -9.36 -14.06
C HIS A 211 5.68 -8.25 -13.54
N ILE A 212 6.17 -7.02 -13.62
CA ILE A 212 5.34 -5.85 -13.30
C ILE A 212 5.66 -4.89 -14.41
N VAL A 213 4.67 -4.56 -15.22
CA VAL A 213 4.96 -3.82 -16.44
C VAL A 213 4.12 -2.57 -16.60
N PHE A 214 4.71 -1.54 -17.23
CA PHE A 214 3.96 -0.36 -17.67
C PHE A 214 3.36 -0.64 -19.04
N ASN A 215 2.07 -0.41 -19.20
CA ASN A 215 1.43 -0.41 -20.52
C ASN A 215 1.64 -1.69 -21.34
N GLY A 216 1.69 -2.81 -20.64
CA GLY A 216 1.47 -4.10 -21.27
C GLY A 216 2.71 -4.89 -21.57
N LYS A 217 3.88 -4.28 -21.41
CA LYS A 217 5.13 -5.06 -21.58
C LYS A 217 6.37 -4.39 -21.06
N VAL A 218 7.39 -5.21 -20.78
CA VAL A 218 8.71 -4.73 -20.41
C VAL A 218 9.14 -3.81 -21.54
N GLY A 219 9.60 -2.62 -21.16
CA GLY A 219 10.12 -1.66 -22.12
C GLY A 219 9.09 -0.99 -23.01
N ALA A 220 7.80 -1.13 -22.70
CA ALA A 220 6.74 -0.49 -23.49
C ALA A 220 6.93 1.01 -23.67
N LEU A 221 7.48 1.65 -22.65
CA LEU A 221 7.63 3.11 -22.65
C LEU A 221 9.09 3.51 -22.76
N THR A 222 9.84 2.76 -23.58
CA THR A 222 11.28 2.99 -23.75
C THR A 222 11.64 3.00 -25.25
N GLY A 223 12.86 3.45 -25.55
CA GLY A 223 13.36 3.50 -26.92
C GLY A 223 12.49 4.37 -27.81
N ALA A 224 12.04 3.79 -28.91
CA ALA A 224 11.20 4.52 -29.88
C ALA A 224 9.89 4.95 -29.26
N ASN A 225 9.51 4.26 -28.20
CA ASN A 225 8.23 4.48 -27.54
C ASN A 225 8.34 5.20 -26.19
N ALA A 226 9.49 5.83 -25.94
CA ALA A 226 9.66 6.71 -24.79
C ALA A 226 8.65 7.84 -24.81
N LEU A 227 8.24 8.30 -23.64
CA LEU A 227 7.43 9.51 -23.54
C LEU A 227 8.35 10.67 -23.92
N THR A 228 7.76 11.80 -24.27
CA THR A 228 8.54 12.96 -24.68
C THR A 228 8.02 14.27 -24.05
N ALA A 229 8.94 15.21 -23.87
CA ALA A 229 8.63 16.53 -23.33
C ALA A 229 9.74 17.49 -23.68
N LYS A 230 9.56 18.75 -23.29
CA LYS A 230 10.56 19.80 -23.57
C LYS A 230 10.76 20.58 -22.28
N VAL A 231 11.95 21.13 -22.06
CA VAL A 231 12.13 22.10 -20.97
C VAL A 231 11.02 23.19 -21.05
N GLY A 232 10.43 23.52 -19.90
CA GLY A 232 9.37 24.51 -19.81
C GLY A 232 7.98 23.92 -19.92
N GLU A 233 7.87 22.70 -20.48
CA GLU A 233 6.57 22.03 -20.66
C GLU A 233 6.10 21.42 -19.35
N THR A 234 4.80 21.55 -19.06
CA THR A 234 4.19 20.92 -17.90
C THR A 234 3.44 19.67 -18.35
N VAL A 235 3.78 18.52 -17.76
CA VAL A 235 3.13 17.27 -18.10
C VAL A 235 2.31 16.76 -16.92
N LEU A 236 1.16 16.16 -17.23
CA LEU A 236 0.37 15.42 -16.25
C LEU A 236 0.64 13.93 -16.43
N LEU A 237 1.11 13.28 -15.36
CA LEU A 237 1.36 11.84 -15.43
C LEU A 237 0.29 11.13 -14.59
N ILE A 238 -0.64 10.51 -15.30
CA ILE A 238 -1.70 9.71 -14.70
C ILE A 238 -1.14 8.30 -14.51
N HIS A 239 -1.27 7.75 -13.31
CA HIS A 239 -0.73 6.42 -13.00
C HIS A 239 -1.82 5.59 -12.36
N SER A 240 -2.22 4.48 -13.01
CA SER A 240 -3.24 3.59 -12.45
C SER A 240 -2.61 2.26 -12.04
N GLN A 241 -3.13 1.70 -10.95
CA GLN A 241 -2.75 0.35 -10.52
C GLN A 241 -4.00 -0.23 -9.89
N ALA A 242 -4.64 -1.14 -10.63
CA ALA A 242 -5.94 -1.66 -10.22
C ALA A 242 -5.89 -2.75 -9.16
N ASN A 243 -4.71 -3.31 -8.92
CA ASN A 243 -4.60 -4.46 -8.03
C ASN A 243 -3.55 -4.40 -6.94
N ARG A 244 -2.50 -3.60 -7.11
CA ARG A 244 -1.36 -3.66 -6.20
C ARG A 244 -0.71 -2.28 -6.05
N ASP A 245 -0.09 -2.02 -4.91
CA ASP A 245 0.50 -0.71 -4.64
C ASP A 245 1.69 -0.50 -5.56
N THR A 246 1.92 0.76 -5.92
CA THR A 246 3.16 1.17 -6.58
C THR A 246 3.62 2.53 -6.04
N ARG A 247 4.87 2.88 -6.33
CA ARG A 247 5.47 4.11 -5.78
C ARG A 247 6.24 4.86 -6.92
N PRO A 248 5.51 5.62 -7.75
CA PRO A 248 6.12 6.31 -8.89
C PRO A 248 7.19 7.32 -8.49
N HIS A 249 8.20 7.44 -9.34
CA HIS A 249 9.30 8.38 -9.12
C HIS A 249 9.80 8.76 -10.51
N LEU A 250 10.13 10.04 -10.69
CA LEU A 250 10.75 10.52 -11.91
C LEU A 250 12.23 10.81 -11.62
N ILE A 251 13.13 9.99 -12.17
CA ILE A 251 14.56 10.11 -11.86
C ILE A 251 15.14 11.39 -12.46
N GLY A 252 15.68 12.25 -11.61
CA GLY A 252 16.18 13.57 -12.03
C GLY A 252 15.11 14.65 -12.00
N GLY A 253 13.87 14.23 -11.68
CA GLY A 253 12.74 15.15 -11.53
C GLY A 253 12.04 14.99 -10.18
N HIS A 254 10.80 15.47 -10.15
CA HIS A 254 9.98 15.49 -8.91
C HIS A 254 8.53 15.45 -9.33
N GLY A 255 7.64 15.22 -8.36
CA GLY A 255 6.24 15.55 -8.59
C GLY A 255 6.05 16.96 -8.07
N ASP A 256 5.86 17.93 -8.96
CA ASP A 256 5.70 19.32 -8.51
C ASP A 256 4.43 19.49 -7.69
N TRP A 257 3.34 18.95 -8.20
CA TRP A 257 2.05 18.89 -7.51
C TRP A 257 1.50 17.48 -7.74
N VAL A 258 1.22 16.78 -6.63
CA VAL A 258 0.78 15.40 -6.76
C VAL A 258 -0.48 15.14 -5.94
N TRP A 259 -1.44 14.48 -6.57
CA TRP A 259 -2.61 13.96 -5.86
C TRP A 259 -2.43 12.45 -5.83
N GLU A 260 -1.75 11.95 -4.80
CA GLU A 260 -1.40 10.51 -4.84
C GLU A 260 -2.63 9.62 -4.66
N THR A 261 -3.63 10.09 -3.92
CA THR A 261 -4.93 9.37 -3.83
C THR A 261 -5.85 9.76 -4.99
N GLY A 262 -5.39 10.70 -5.82
CA GLY A 262 -5.99 11.03 -7.12
C GLY A 262 -7.31 11.79 -7.12
N LYS A 263 -7.61 12.56 -6.07
CA LYS A 263 -8.94 13.21 -6.00
C LYS A 263 -8.79 14.73 -5.90
N PHE A 264 -9.22 15.42 -6.95
CA PHE A 264 -8.79 16.82 -7.17
C PHE A 264 -9.38 17.84 -6.19
N ALA A 265 -10.42 17.46 -5.45
CA ALA A 265 -10.96 18.36 -4.44
C ALA A 265 -10.06 18.46 -3.19
N ASN A 266 -9.05 17.58 -3.09
CA ASN A 266 -8.07 17.64 -2.01
C ASN A 266 -6.88 18.42 -2.49
N PRO A 267 -6.24 19.18 -1.59
CA PRO A 267 -5.03 19.92 -1.98
C PRO A 267 -3.92 18.95 -2.39
N PRO A 268 -3.18 19.27 -3.46
CA PRO A 268 -2.04 18.38 -3.80
C PRO A 268 -0.86 18.60 -2.87
N GLN A 269 0.05 17.62 -2.83
CA GLN A 269 1.33 17.80 -2.17
C GLN A 269 2.36 18.26 -3.19
N ARG A 270 3.35 19.02 -2.75
CA ARG A 270 4.41 19.51 -3.67
C ARG A 270 5.79 18.91 -3.38
N ASP A 271 6.66 18.94 -4.40
CA ASP A 271 8.09 18.62 -4.25
C ASP A 271 8.37 17.15 -3.98
N LEU A 272 7.42 16.28 -4.32
CA LEU A 272 7.61 14.86 -3.99
C LEU A 272 8.79 14.25 -4.74
N GLU A 273 9.55 13.39 -4.05
CA GLU A 273 10.52 12.55 -4.76
C GLU A 273 9.81 11.30 -5.29
N THR A 274 9.05 10.67 -4.41
CA THR A 274 8.33 9.45 -4.73
C THR A 274 6.94 9.54 -4.13
N TRP A 275 5.93 9.10 -4.87
CA TRP A 275 4.57 9.12 -4.33
C TRP A 275 4.02 7.70 -4.29
N PHE A 276 2.77 7.53 -3.90
CA PHE A 276 2.27 6.20 -3.61
C PHE A 276 0.88 6.07 -4.17
N ILE A 277 0.73 5.10 -5.09
CA ILE A 277 -0.55 4.76 -5.67
C ILE A 277 -1.04 3.46 -5.02
N ARG A 278 -2.15 3.56 -4.30
CA ARG A 278 -2.72 2.40 -3.60
C ARG A 278 -3.29 1.45 -4.64
N GLY A 279 -3.06 0.14 -4.47
CA GLY A 279 -3.74 -0.84 -5.32
C GLY A 279 -5.23 -0.53 -5.35
N GLY A 280 -5.81 -0.48 -6.55
CA GLY A 280 -7.19 -0.14 -6.75
C GLY A 280 -7.44 1.36 -6.84
N SER A 281 -6.45 2.12 -7.31
CA SER A 281 -6.70 3.54 -7.53
C SER A 281 -5.86 4.08 -8.65
N ALA A 282 -6.16 5.32 -9.02
CA ALA A 282 -5.30 6.08 -9.92
C ALA A 282 -4.95 7.39 -9.27
N GLY A 283 -3.70 7.81 -9.44
CA GLY A 283 -3.27 9.12 -8.97
C GLY A 283 -2.73 9.95 -10.11
N ALA A 284 -2.32 11.17 -9.79
CA ALA A 284 -1.88 12.09 -10.84
C ALA A 284 -0.84 13.04 -10.33
N ALA A 285 0.18 13.28 -11.17
CA ALA A 285 1.31 14.14 -10.83
C ALA A 285 1.58 15.13 -11.93
N LEU A 286 1.81 16.39 -11.57
CA LEU A 286 2.25 17.41 -12.51
C LEU A 286 3.74 17.64 -12.36
N TYR A 287 4.44 17.82 -13.47
CA TYR A 287 5.85 18.22 -13.41
C TYR A 287 6.17 19.13 -14.60
N THR A 288 6.90 20.21 -14.33
CA THR A 288 7.40 21.11 -15.36
C THR A 288 8.90 20.88 -15.51
N PHE A 289 9.30 20.46 -16.70
CA PHE A 289 10.70 20.10 -16.93
C PHE A 289 11.59 21.32 -16.91
N LYS A 290 12.72 21.20 -16.21
CA LYS A 290 13.70 22.28 -16.16
C LYS A 290 15.05 21.91 -16.79
N GLN A 291 15.21 20.62 -17.12
CA GLN A 291 16.47 20.12 -17.69
C GLN A 291 16.18 19.17 -18.84
N PRO A 292 16.99 19.25 -19.91
CA PRO A 292 16.86 18.27 -20.98
C PRO A 292 17.50 16.94 -20.57
N GLY A 293 17.27 15.90 -21.35
CA GLY A 293 17.94 14.63 -21.14
C GLY A 293 16.93 13.52 -21.08
N VAL A 294 17.41 12.30 -20.88
CA VAL A 294 16.51 11.16 -20.73
C VAL A 294 16.25 10.98 -19.24
N TYR A 295 14.98 10.85 -18.89
CA TYR A 295 14.59 10.58 -17.51
C TYR A 295 14.09 9.16 -17.46
N ALA A 296 14.19 8.53 -16.29
CA ALA A 296 13.43 7.29 -16.04
C ALA A 296 12.19 7.61 -15.19
N TYR A 297 11.04 7.08 -15.58
CA TYR A 297 9.83 7.14 -14.77
C TYR A 297 9.56 5.72 -14.31
N LEU A 298 9.56 5.47 -13.00
CA LEU A 298 9.53 4.10 -12.53
C LEU A 298 8.88 3.90 -11.17
N ASN A 299 8.54 2.65 -10.89
CA ASN A 299 8.18 2.18 -9.54
C ASN A 299 9.47 2.10 -8.70
N HIS A 300 9.57 2.89 -7.62
CA HIS A 300 10.82 2.92 -6.84
C HIS A 300 11.02 1.78 -5.82
N ASN A 301 10.30 0.68 -5.99
CA ASN A 301 10.92 -0.55 -5.55
C ASN A 301 11.78 -0.94 -6.75
N LEU A 302 13.08 -0.73 -6.61
CA LEU A 302 13.99 -0.84 -7.75
C LEU A 302 14.07 -2.27 -8.31
N ILE A 303 13.81 -3.28 -7.49
CA ILE A 303 13.66 -4.65 -8.01
C ILE A 303 12.45 -4.73 -8.94
N GLU A 304 11.31 -4.24 -8.49
CA GLU A 304 10.10 -4.20 -9.31
C GLU A 304 10.36 -3.44 -10.63
N ALA A 305 11.14 -2.35 -10.56
CA ALA A 305 11.42 -1.52 -11.73
C ALA A 305 12.38 -2.23 -12.68
N PHE A 306 13.58 -2.54 -12.19
CA PHE A 306 14.65 -2.99 -13.08
C PHE A 306 14.67 -4.49 -13.33
N GLU A 307 14.29 -5.28 -12.33
CA GLU A 307 14.23 -6.73 -12.51
C GLU A 307 12.91 -7.17 -13.14
N LEU A 308 11.81 -6.62 -12.65
CA LEU A 308 10.49 -7.14 -13.04
C LEU A 308 9.78 -6.37 -14.14
N GLY A 309 10.21 -5.11 -14.39
CA GLY A 309 9.76 -4.38 -15.57
C GLY A 309 9.07 -3.03 -15.42
N ALA A 310 8.94 -2.55 -14.18
CA ALA A 310 8.09 -1.39 -13.93
C ALA A 310 8.86 -0.07 -14.10
N ALA A 311 9.25 0.22 -15.35
CA ALA A 311 10.06 1.40 -15.66
C ALA A 311 9.85 1.86 -17.09
N GLY A 312 9.84 3.18 -17.27
CA GLY A 312 9.77 3.78 -18.60
C GLY A 312 10.73 4.96 -18.70
N HIS A 313 10.79 5.57 -19.88
CA HIS A 313 11.65 6.73 -20.09
C HIS A 313 10.86 7.92 -20.62
N ILE A 314 11.36 9.11 -20.33
CA ILE A 314 10.88 10.35 -20.92
C ILE A 314 12.10 11.07 -21.50
N LYS A 315 12.06 11.30 -22.79
CA LYS A 315 13.13 11.99 -23.50
C LYS A 315 12.77 13.47 -23.61
N VAL A 316 13.64 14.34 -23.08
CA VAL A 316 13.31 15.76 -22.93
C VAL A 316 14.30 16.65 -23.67
N GLU A 317 13.76 17.47 -24.57
CA GLU A 317 14.57 18.42 -25.35
C GLU A 317 14.70 19.75 -24.62
N GLY A 318 15.77 20.49 -24.90
CA GLY A 318 15.89 21.84 -24.37
C GLY A 318 17.29 22.20 -23.94
N LYS A 319 17.42 23.35 -23.29
CA LYS A 319 18.73 23.88 -22.91
C LYS A 319 19.13 23.45 -21.50
N TRP A 320 20.32 22.90 -21.36
CA TRP A 320 20.85 22.56 -20.04
C TRP A 320 21.01 23.78 -19.14
N ASN A 321 20.65 23.62 -17.87
CA ASN A 321 20.67 24.69 -16.89
C ASN A 321 21.77 24.41 -15.87
N ASP A 322 22.90 25.10 -16.00
CA ASP A 322 24.01 24.93 -15.06
C ASP A 322 23.78 25.43 -13.64
N ASP A 323 22.82 26.32 -13.45
CA ASP A 323 22.50 26.80 -12.13
C ASP A 323 21.87 25.66 -11.33
N LEU A 324 20.99 24.89 -11.98
CA LEU A 324 20.36 23.77 -11.28
C LEU A 324 21.33 22.62 -11.03
N MET A 325 22.20 22.34 -11.99
CA MET A 325 23.16 21.25 -11.82
C MET A 325 24.36 21.48 -12.72
N LYS A 326 25.56 21.39 -12.14
CA LYS A 326 26.78 21.51 -12.94
C LYS A 326 27.80 20.45 -12.54
N GLN A 327 28.42 19.80 -13.52
CA GLN A 327 29.57 18.96 -13.26
C GLN A 327 30.77 19.87 -13.02
N ILE A 328 31.22 19.94 -11.77
CA ILE A 328 32.31 20.83 -11.38
C ILE A 328 33.67 20.24 -11.79
N LYS A 329 33.86 18.96 -11.50
CA LYS A 329 35.03 18.21 -11.95
C LYS A 329 34.53 16.88 -12.51
N ALA A 330 34.77 16.65 -13.80
CA ALA A 330 34.42 15.38 -14.41
C ALA A 330 35.26 14.25 -13.79
N PRO A 331 34.77 13.00 -13.87
CA PRO A 331 35.52 11.87 -13.32
C PRO A 331 36.98 11.87 -13.82
N ALA A 332 37.91 11.73 -12.89
CA ALA A 332 39.35 11.81 -13.14
C ALA A 332 40.09 11.06 -12.03
N PRO A 333 41.36 10.67 -12.28
CA PRO A 333 42.11 9.98 -11.23
C PRO A 333 42.18 10.78 -9.94
N ILE A 334 42.04 10.08 -8.81
CA ILE A 334 42.26 10.66 -7.50
C ILE A 334 43.68 11.25 -7.46
N PRO A 335 43.83 12.50 -6.97
CA PRO A 335 45.15 13.14 -6.82
C PRO A 335 46.04 12.43 -5.79
N ASP B 2 -6.55 16.64 37.66
CA ASP B 2 -6.16 15.47 38.50
C ASP B 2 -7.18 14.34 38.35
N ALA B 3 -6.75 13.24 37.73
CA ALA B 3 -7.61 12.13 37.34
C ALA B 3 -8.17 11.36 38.53
N ASP B 4 -7.42 11.33 39.63
CA ASP B 4 -8.02 10.92 40.90
C ASP B 4 -8.99 12.10 41.12
N LYS B 5 -10.19 11.89 41.62
CA LYS B 5 -11.14 13.00 41.77
C LYS B 5 -12.09 13.22 40.59
N LEU B 6 -11.72 12.76 39.39
CA LEU B 6 -12.63 12.81 38.26
C LEU B 6 -13.72 11.77 38.46
N PRO B 7 -14.95 12.07 38.00
CA PRO B 7 -16.02 11.06 38.08
C PRO B 7 -15.69 9.88 37.17
N HIS B 8 -16.17 8.69 37.54
CA HIS B 8 -15.95 7.50 36.73
C HIS B 8 -17.24 7.14 36.00
N THR B 9 -17.09 6.55 34.83
CA THR B 9 -18.23 5.97 34.11
C THR B 9 -17.83 4.57 33.66
N LYS B 10 -18.84 3.72 33.39
CA LYS B 10 -18.60 2.34 33.02
C LYS B 10 -19.22 2.06 31.67
N VAL B 11 -18.48 1.39 30.78
CA VAL B 11 -19.00 1.06 29.45
C VAL B 11 -19.20 -0.43 29.31
N THR B 12 -20.34 -0.83 28.73
CA THR B 12 -20.60 -2.22 28.36
C THR B 12 -20.18 -2.36 26.90
N LEU B 13 -19.10 -3.11 26.70
CA LEU B 13 -18.54 -3.32 25.36
C LEU B 13 -19.46 -4.20 24.53
N VAL B 14 -19.43 -4.05 23.21
CA VAL B 14 -20.20 -4.93 22.33
C VAL B 14 -19.29 -5.56 21.27
N ALA B 15 -19.65 -6.73 20.76
CA ALA B 15 -18.77 -7.41 19.81
C ALA B 15 -18.84 -6.77 18.41
N PRO B 16 -17.69 -6.73 17.69
CA PRO B 16 -17.66 -6.25 16.29
C PRO B 16 -18.63 -7.04 15.42
N PRO B 17 -19.16 -6.44 14.33
CA PRO B 17 -18.78 -5.11 13.84
C PRO B 17 -19.48 -3.94 14.53
N GLN B 18 -20.39 -4.23 15.46
CA GLN B 18 -21.04 -3.15 16.18
C GLN B 18 -20.03 -2.41 17.07
N VAL B 19 -20.38 -1.19 17.45
CA VAL B 19 -19.58 -0.36 18.35
C VAL B 19 -20.52 0.12 19.45
N HIS B 20 -20.05 0.07 20.69
CA HIS B 20 -20.92 0.43 21.82
C HIS B 20 -21.50 1.84 21.67
N PRO B 21 -22.74 2.07 22.15
CA PRO B 21 -23.28 3.42 22.01
C PRO B 21 -22.42 4.49 22.72
N HIS B 22 -22.32 5.65 22.08
CA HIS B 22 -21.48 6.77 22.53
C HIS B 22 -22.22 8.00 21.97
N GLU B 23 -22.18 9.15 22.62
CA GLU B 23 -21.85 10.47 22.10
C GLU B 23 -20.78 10.79 21.09
N GLN B 24 -21.15 11.57 20.07
CA GLN B 24 -20.13 12.19 19.22
C GLN B 24 -19.77 13.50 19.90
N ALA B 25 -20.38 14.62 19.52
CA ALA B 25 -20.17 15.83 20.32
C ALA B 25 -20.78 15.62 21.71
N THR B 26 -20.10 16.12 22.73
CA THR B 26 -20.60 15.95 24.10
C THR B 26 -20.46 17.23 24.90
N LYS B 27 -21.38 17.41 25.84
CA LYS B 27 -21.27 18.48 26.82
C LYS B 27 -20.60 18.02 28.10
N SER B 28 -20.32 16.73 28.22
CA SER B 28 -19.58 16.22 29.38
C SER B 28 -18.11 16.69 29.36
N GLY B 29 -17.51 16.83 30.54
CA GLY B 29 -16.09 17.13 30.61
C GLY B 29 -15.36 15.80 30.78
N PRO B 30 -14.02 15.83 30.93
CA PRO B 30 -13.26 14.60 31.12
C PRO B 30 -13.81 13.70 32.21
N LYS B 31 -13.73 12.41 31.96
CA LYS B 31 -14.08 11.40 32.97
C LYS B 31 -13.09 10.24 32.90
N VAL B 32 -13.09 9.41 33.93
CA VAL B 32 -12.35 8.16 33.87
C VAL B 32 -13.34 7.12 33.38
N VAL B 33 -13.08 6.61 32.17
CA VAL B 33 -13.98 5.64 31.53
C VAL B 33 -13.44 4.24 31.76
N GLU B 34 -14.23 3.41 32.46
CA GLU B 34 -13.81 2.05 32.85
C GLU B 34 -14.25 1.01 31.86
N PHE B 35 -13.30 0.17 31.43
CA PHE B 35 -13.55 -0.98 30.54
C PHE B 35 -12.89 -2.21 31.15
N THR B 36 -13.48 -3.38 30.86
CA THR B 36 -12.87 -4.65 31.22
C THR B 36 -12.80 -5.50 29.97
N MET B 37 -11.65 -6.14 29.77
CA MET B 37 -11.56 -7.17 28.72
C MET B 37 -10.90 -8.39 29.29
N THR B 38 -11.37 -9.54 28.82
CA THR B 38 -10.90 -10.82 29.30
C THR B 38 -10.31 -11.56 28.11
N ILE B 39 -9.08 -12.03 28.26
CA ILE B 39 -8.38 -12.71 27.16
C ILE B 39 -8.93 -14.13 26.98
N GLU B 40 -9.16 -14.51 25.73
CA GLU B 40 -9.55 -15.87 25.42
C GLU B 40 -8.71 -16.46 24.30
N GLU B 41 -7.91 -17.49 24.62
CA GLU B 41 -7.21 -18.31 23.63
C GLU B 41 -8.19 -19.38 23.22
N LYS B 42 -8.41 -19.56 21.92
CA LYS B 42 -9.34 -20.58 21.46
C LYS B 42 -9.08 -21.00 20.05
N LYS B 43 -9.42 -22.25 19.73
CA LYS B 43 -9.33 -22.71 18.36
C LYS B 43 -10.55 -22.20 17.59
N MET B 44 -10.31 -21.52 16.47
CA MET B 44 -11.39 -20.91 15.70
C MET B 44 -11.43 -21.45 14.28
N VAL B 45 -12.64 -21.60 13.73
CA VAL B 45 -12.79 -21.96 12.31
C VAL B 45 -12.84 -20.69 11.46
N ILE B 46 -11.87 -20.55 10.56
CA ILE B 46 -11.69 -19.28 9.84
C ILE B 46 -12.21 -19.26 8.38
N ASP B 47 -12.83 -20.36 7.96
CA ASP B 47 -13.54 -20.40 6.67
C ASP B 47 -14.72 -21.40 6.68
N ASP B 48 -15.48 -21.45 5.58
CA ASP B 48 -16.66 -22.32 5.47
C ASP B 48 -16.27 -23.75 5.12
N LYS B 49 -14.99 -23.94 4.91
CA LYS B 49 -14.39 -25.24 4.58
C LYS B 49 -13.97 -26.01 5.84
N GLY B 50 -13.95 -25.33 7.00
CA GLY B 50 -13.50 -25.97 8.25
C GLY B 50 -12.05 -25.81 8.69
N THR B 51 -11.29 -24.96 8.00
CA THR B 51 -9.92 -24.66 8.39
C THR B 51 -9.87 -23.96 9.75
N THR B 52 -8.94 -24.40 10.61
CA THR B 52 -8.82 -23.86 11.97
C THR B 52 -7.55 -23.04 12.20
N LEU B 53 -7.67 -22.10 13.13
CA LEU B 53 -6.59 -21.29 13.63
C LEU B 53 -6.52 -21.47 15.14
N GLN B 54 -5.31 -21.69 15.67
CA GLN B 54 -5.11 -21.56 17.10
C GLN B 54 -5.00 -20.07 17.47
N ALA B 55 -6.12 -19.50 17.91
CA ALA B 55 -6.29 -18.04 17.98
C ALA B 55 -6.11 -17.52 19.39
N MET B 56 -5.84 -16.22 19.51
CA MET B 56 -5.79 -15.56 20.82
C MET B 56 -6.56 -14.28 20.63
N THR B 57 -7.43 -13.97 21.60
CA THR B 57 -8.33 -12.84 21.45
C THR B 57 -8.53 -12.04 22.72
N PHE B 58 -8.85 -10.76 22.54
CA PHE B 58 -9.41 -9.94 23.59
C PHE B 58 -10.95 -10.09 23.53
N ASN B 59 -11.53 -10.51 24.64
CA ASN B 59 -13.00 -10.62 24.77
C ASN B 59 -13.70 -11.64 23.86
N GLY B 60 -12.95 -12.60 23.31
CA GLY B 60 -13.55 -13.67 22.50
C GLY B 60 -13.72 -13.39 21.01
N SER B 61 -13.28 -12.21 20.56
CA SER B 61 -13.51 -11.83 19.15
C SER B 61 -12.23 -11.38 18.48
N MET B 62 -12.19 -11.52 17.17
CA MET B 62 -11.17 -10.86 16.31
C MET B 62 -11.94 -9.91 15.40
N PRO B 63 -11.68 -8.58 15.51
CA PRO B 63 -10.82 -7.89 16.44
C PRO B 63 -11.48 -7.91 17.82
N GLY B 64 -10.73 -7.50 18.83
CA GLY B 64 -11.35 -7.17 20.11
C GLY B 64 -12.35 -6.03 19.92
N PRO B 65 -13.19 -5.79 20.94
CA PRO B 65 -14.20 -4.76 20.83
C PRO B 65 -13.55 -3.38 20.65
N THR B 66 -14.25 -2.47 19.98
CA THR B 66 -13.81 -1.07 19.90
C THR B 66 -14.22 -0.33 21.17
N LEU B 67 -13.26 0.38 21.76
CA LEU B 67 -13.51 1.21 22.96
C LEU B 67 -13.60 2.67 22.51
N VAL B 68 -14.66 3.40 22.87
CA VAL B 68 -14.86 4.83 22.44
C VAL B 68 -14.76 5.60 23.76
N VAL B 69 -13.80 6.49 23.88
CA VAL B 69 -13.92 7.76 24.57
C VAL B 69 -13.80 9.10 23.83
N HIS B 70 -13.70 10.17 24.62
CA HIS B 70 -13.45 11.50 24.07
C HIS B 70 -12.07 12.03 24.47
N GLU B 71 -11.50 12.87 23.64
CA GLU B 71 -10.20 13.48 23.91
C GLU B 71 -10.20 14.13 25.29
N GLY B 72 -9.22 13.79 26.12
CA GLY B 72 -9.13 14.32 27.50
C GLY B 72 -9.69 13.40 28.57
N ASP B 73 -10.48 12.41 28.16
CA ASP B 73 -10.89 11.32 29.06
C ASP B 73 -9.67 10.46 29.45
N TYR B 74 -9.81 9.72 30.55
CA TYR B 74 -8.83 8.71 30.90
C TYR B 74 -9.49 7.37 30.69
N VAL B 75 -8.76 6.46 30.05
CA VAL B 75 -9.20 5.08 29.87
C VAL B 75 -8.66 4.29 31.06
N GLN B 76 -9.54 3.58 31.76
CA GLN B 76 -9.12 2.69 32.83
C GLN B 76 -9.54 1.27 32.52
N LEU B 77 -8.57 0.48 32.05
CA LEU B 77 -8.84 -0.89 31.61
C LEU B 77 -8.44 -1.90 32.66
N THR B 78 -9.39 -2.79 33.01
CA THR B 78 -9.05 -3.98 33.77
C THR B 78 -8.85 -5.09 32.77
N LEU B 79 -7.64 -5.64 32.73
CA LEU B 79 -7.31 -6.72 31.80
C LEU B 79 -7.18 -8.01 32.60
N VAL B 80 -8.02 -8.99 32.27
CA VAL B 80 -8.01 -10.29 32.95
C VAL B 80 -7.55 -11.43 32.03
N ASN B 81 -6.60 -12.22 32.52
CA ASN B 81 -6.09 -13.38 31.81
C ASN B 81 -6.48 -14.61 32.61
N PRO B 82 -7.66 -15.19 32.33
CA PRO B 82 -8.14 -16.34 33.11
C PRO B 82 -7.14 -17.48 33.19
N ALA B 83 -7.23 -18.23 34.29
CA ALA B 83 -6.43 -19.42 34.50
C ALA B 83 -6.53 -20.43 33.38
N THR B 84 -7.63 -20.45 32.65
CA THR B 84 -7.82 -21.37 31.54
C THR B 84 -6.77 -21.24 30.43
N ASN B 85 -6.30 -20.02 30.19
CA ASN B 85 -5.27 -19.73 29.19
C ASN B 85 -3.88 -20.31 29.49
N ALA B 86 -3.05 -20.40 28.46
CA ALA B 86 -1.72 -21.00 28.54
C ALA B 86 -0.59 -19.96 28.55
N MET B 87 -0.85 -18.81 27.91
CA MET B 87 0.20 -17.83 27.66
C MET B 87 0.05 -16.58 28.53
N PRO B 88 1.17 -15.89 28.80
CA PRO B 88 1.11 -14.56 29.39
C PRO B 88 0.67 -13.58 28.28
N HIS B 89 0.00 -12.51 28.66
CA HIS B 89 -0.48 -11.50 27.72
C HIS B 89 -0.26 -10.13 28.36
N ASN B 90 -0.54 -9.07 27.59
CA ASN B 90 -0.59 -7.71 28.13
C ASN B 90 -1.36 -6.85 27.11
N VAL B 91 -1.29 -5.52 27.22
CA VAL B 91 -1.93 -4.67 26.21
C VAL B 91 -1.05 -3.44 25.97
N ASP B 92 -0.92 -3.08 24.70
CA ASP B 92 -0.19 -1.92 24.24
C ASP B 92 -1.24 -1.08 23.53
N PHE B 93 -1.55 0.09 24.09
CA PHE B 93 -2.46 1.04 23.44
C PHE B 93 -1.67 2.08 22.66
N HIS B 94 -1.85 2.11 21.34
CA HIS B 94 -1.22 3.16 20.54
C HIS B 94 -1.73 4.55 20.89
N GLY B 95 -2.88 4.61 21.55
CA GLY B 95 -3.44 5.90 21.97
C GLY B 95 -2.87 6.42 23.27
N ALA B 96 -2.03 5.60 23.93
CA ALA B 96 -1.44 5.93 25.24
C ALA B 96 0.02 6.38 25.13
N THR B 97 0.47 7.10 26.16
CA THR B 97 1.83 7.58 26.21
C THR B 97 2.58 7.00 27.42
N GLY B 98 3.65 6.24 27.14
CA GLY B 98 4.53 5.70 28.18
C GLY B 98 4.52 4.18 28.25
N ALA B 99 5.58 3.62 28.81
CA ALA B 99 5.64 2.20 29.20
C ALA B 99 5.21 1.24 28.09
N LEU B 100 5.72 1.49 26.88
CA LEU B 100 5.39 0.67 25.71
C LEU B 100 3.88 0.57 25.44
N GLY B 101 3.18 1.71 25.61
CA GLY B 101 1.73 1.77 25.44
C GLY B 101 0.92 1.15 26.57
N GLY B 102 1.59 0.85 27.67
CA GLY B 102 0.96 0.19 28.81
C GLY B 102 1.40 -1.26 28.96
N ALA B 103 2.09 -1.80 27.94
CA ALA B 103 2.49 -3.22 27.96
C ALA B 103 3.35 -3.59 29.18
N LYS B 104 4.25 -2.68 29.60
CA LYS B 104 5.13 -2.95 30.75
C LYS B 104 4.38 -3.05 32.08
N LEU B 105 3.16 -2.50 32.10
CA LEU B 105 2.38 -2.35 33.35
C LEU B 105 1.21 -3.32 33.41
N THR B 106 1.07 -4.15 32.38
CA THR B 106 -0.09 -5.03 32.27
C THR B 106 0.29 -6.49 31.96
N ASN B 107 1.52 -6.89 32.30
CA ASN B 107 1.94 -8.27 32.09
C ASN B 107 1.15 -9.19 33.01
N VAL B 108 0.21 -9.94 32.44
CA VAL B 108 -0.63 -10.86 33.22
C VAL B 108 -0.43 -12.31 32.80
N ASN B 109 -0.01 -13.13 33.76
CA ASN B 109 0.07 -14.57 33.54
C ASN B 109 -1.31 -15.16 33.69
N PRO B 110 -1.53 -16.38 33.16
CA PRO B 110 -2.83 -17.04 33.39
C PRO B 110 -3.21 -17.05 34.88
N GLY B 111 -4.43 -16.62 35.18
CA GLY B 111 -4.91 -16.53 36.56
C GLY B 111 -4.64 -15.19 37.21
N GLU B 112 -4.19 -14.21 36.41
CA GLU B 112 -3.92 -12.85 36.89
C GLU B 112 -4.70 -11.79 36.12
N GLN B 113 -4.90 -10.64 36.77
CA GLN B 113 -5.48 -9.44 36.16
C GLN B 113 -4.72 -8.19 36.60
N ALA B 114 -4.89 -7.09 35.85
CA ALA B 114 -4.21 -5.83 36.17
C ALA B 114 -5.11 -4.69 35.73
N THR B 115 -4.93 -3.51 36.33
CA THR B 115 -5.74 -2.35 35.93
C THR B 115 -4.80 -1.21 35.53
N LEU B 116 -4.99 -0.67 34.33
CA LEU B 116 -4.14 0.39 33.78
C LEU B 116 -5.00 1.62 33.54
N ARG B 117 -4.51 2.81 33.89
CA ARG B 117 -5.19 4.04 33.49
C ARG B 117 -4.27 4.85 32.59
N PHE B 118 -4.80 5.40 31.50
CA PHE B 118 -3.99 6.37 30.76
C PHE B 118 -4.84 7.50 30.23
N LYS B 119 -4.20 8.65 29.98
CA LYS B 119 -4.91 9.80 29.44
C LYS B 119 -5.02 9.67 27.92
N ALA B 120 -6.24 9.75 27.41
CA ALA B 120 -6.51 9.73 25.98
C ALA B 120 -6.47 11.16 25.49
N ASP B 121 -5.25 11.67 25.32
CA ASP B 121 -5.10 13.08 25.03
C ASP B 121 -4.99 13.41 23.54
N ARG B 122 -5.10 12.39 22.68
CA ARG B 122 -5.02 12.62 21.23
C ARG B 122 -6.20 11.98 20.53
N SER B 123 -6.86 12.73 19.66
CA SER B 123 -8.06 12.24 18.96
C SER B 123 -7.66 11.34 17.79
N GLY B 124 -8.52 10.36 17.52
CA GLY B 124 -8.24 9.44 16.44
C GLY B 124 -8.67 8.02 16.75
N THR B 125 -8.59 7.18 15.74
CA THR B 125 -8.72 5.73 15.90
C THR B 125 -7.29 5.20 16.07
N PHE B 126 -7.07 4.39 17.12
CA PHE B 126 -5.75 3.87 17.47
C PHE B 126 -5.84 2.36 17.70
N VAL B 127 -4.88 1.62 17.17
CA VAL B 127 -4.78 0.19 17.44
C VAL B 127 -4.43 -0.04 18.91
N TYR B 128 -5.02 -1.09 19.50
CA TYR B 128 -4.43 -1.67 20.72
C TYR B 128 -4.12 -3.12 20.38
N HIS B 129 -3.09 -3.68 21.02
CA HIS B 129 -2.72 -5.08 20.74
C HIS B 129 -1.89 -5.65 21.87
N CYS B 130 -1.85 -6.98 21.95
CA CYS B 130 -1.01 -7.65 22.92
C CYS B 130 0.42 -7.53 22.44
N ALA B 131 1.36 -7.48 23.37
CA ALA B 131 2.77 -7.34 23.01
C ALA B 131 3.66 -8.00 24.09
N PRO B 132 3.56 -9.32 24.26
CA PRO B 132 4.39 -9.96 25.28
C PRO B 132 5.83 -10.04 24.77
N GLU B 133 6.77 -9.65 25.61
CA GLU B 133 8.17 -9.57 25.20
C GLU B 133 8.65 -10.87 24.55
N GLY B 134 9.22 -10.76 23.35
CA GLY B 134 9.73 -11.92 22.62
C GLY B 134 8.69 -12.70 21.84
N MET B 135 7.44 -12.35 22.02
CA MET B 135 6.34 -13.06 21.36
C MET B 135 5.36 -12.15 20.62
N VAL B 136 5.77 -10.92 20.34
CA VAL B 136 4.82 -9.91 19.88
C VAL B 136 4.09 -10.28 18.57
N PRO B 137 4.86 -10.58 17.51
CA PRO B 137 4.20 -10.85 16.22
C PRO B 137 3.22 -12.02 16.30
N TRP B 138 3.57 -13.07 17.04
CA TRP B 138 2.71 -14.24 17.11
C TRP B 138 1.37 -13.89 17.74
N HIS B 139 1.43 -13.16 18.85
CA HIS B 139 0.17 -12.83 19.54
C HIS B 139 -0.72 -11.95 18.69
N VAL B 140 -0.09 -11.03 17.96
CA VAL B 140 -0.84 -10.09 17.16
C VAL B 140 -1.48 -10.79 15.97
N VAL B 141 -0.72 -11.60 15.25
CA VAL B 141 -1.27 -12.23 14.04
C VAL B 141 -2.25 -13.36 14.42
N SER B 142 -2.18 -13.84 15.66
CA SER B 142 -3.14 -14.85 16.15
C SER B 142 -4.50 -14.27 16.56
N GLY B 143 -4.62 -12.94 16.58
CA GLY B 143 -5.90 -12.27 16.78
C GLY B 143 -5.98 -11.16 17.84
N MET B 144 -4.90 -10.87 18.54
CA MET B 144 -4.95 -9.95 19.70
C MET B 144 -4.79 -8.48 19.35
N SER B 145 -5.80 -7.93 18.69
CA SER B 145 -5.81 -6.50 18.42
C SER B 145 -7.23 -5.96 18.25
N GLY B 146 -7.37 -4.65 18.40
CA GLY B 146 -8.65 -3.97 18.23
C GLY B 146 -8.38 -2.48 18.19
N THR B 147 -9.43 -1.68 18.34
CA THR B 147 -9.30 -0.23 18.12
C THR B 147 -9.82 0.54 19.34
N LEU B 148 -9.10 1.58 19.73
CA LEU B 148 -9.56 2.61 20.64
C LEU B 148 -9.91 3.81 19.78
N MET B 149 -11.16 4.26 19.84
CA MET B 149 -11.53 5.51 19.15
C MET B 149 -11.69 6.64 20.17
N VAL B 150 -10.87 7.68 20.01
CA VAL B 150 -10.92 8.88 20.85
C VAL B 150 -11.52 10.00 20.00
N LEU B 151 -12.78 10.31 20.25
CA LEU B 151 -13.48 11.35 19.49
C LEU B 151 -13.14 12.74 20.01
N PRO B 152 -13.07 13.72 19.09
CA PRO B 152 -12.96 15.09 19.59
C PRO B 152 -14.20 15.41 20.42
N ARG B 153 -14.06 16.25 21.43
CA ARG B 153 -15.16 16.47 22.37
C ARG B 153 -16.32 17.14 21.63
N ASP B 154 -15.98 17.85 20.56
CA ASP B 154 -16.89 18.58 19.70
C ASP B 154 -17.35 17.78 18.43
N GLY B 155 -17.04 16.48 18.41
CA GLY B 155 -17.35 15.62 17.28
C GLY B 155 -16.38 15.78 16.10
N LEU B 156 -16.61 14.98 15.07
CA LEU B 156 -15.77 15.01 13.87
C LEU B 156 -15.98 16.30 13.07
N LYS B 157 -14.89 16.76 12.43
CA LYS B 157 -14.89 18.00 11.62
C LYS B 157 -14.31 17.80 10.20
N ASP B 158 -14.88 18.51 9.23
CA ASP B 158 -14.30 18.51 7.87
C ASP B 158 -13.07 19.49 7.81
N PRO B 159 -12.41 19.63 6.65
CA PRO B 159 -11.18 20.47 6.60
C PRO B 159 -11.40 21.96 6.93
N GLN B 160 -12.64 22.42 6.81
CA GLN B 160 -12.99 23.82 7.12
C GLN B 160 -13.66 23.95 8.50
N GLY B 161 -13.65 22.86 9.26
CA GLY B 161 -14.13 22.87 10.63
C GLY B 161 -15.63 22.67 10.70
N LYS B 162 -16.24 22.30 9.58
CA LYS B 162 -17.68 22.00 9.56
C LYS B 162 -17.99 20.66 10.22
N PRO B 163 -19.07 20.59 11.01
CA PRO B 163 -19.41 19.32 11.66
C PRO B 163 -19.79 18.17 10.74
N LEU B 164 -19.25 17.00 11.05
CA LEU B 164 -19.56 15.75 10.37
C LEU B 164 -20.13 14.80 11.40
N HIS B 165 -21.27 14.21 11.09
CA HIS B 165 -22.03 13.36 12.01
C HIS B 165 -22.22 12.02 11.33
N TYR B 166 -22.13 10.92 12.09
CA TYR B 166 -22.49 9.62 11.53
C TYR B 166 -23.72 9.03 12.26
N ASP B 167 -24.51 8.25 11.54
CA ASP B 167 -25.69 7.60 12.11
C ASP B 167 -25.37 6.26 12.76
N ARG B 168 -24.33 5.62 12.28
CA ARG B 168 -23.88 4.37 12.87
C ARG B 168 -22.41 4.15 12.60
N ALA B 169 -21.74 3.42 13.48
CA ALA B 169 -20.31 3.12 13.32
C ALA B 169 -20.15 1.64 13.26
N TYR B 170 -19.28 1.18 12.38
CA TYR B 170 -18.96 -0.25 12.30
C TYR B 170 -17.47 -0.39 12.43
N THR B 171 -17.02 -1.47 13.04
CA THR B 171 -15.60 -1.68 13.21
C THR B 171 -15.19 -2.96 12.47
N ILE B 172 -14.19 -2.84 11.60
CA ILE B 172 -13.68 -3.98 10.82
C ILE B 172 -12.21 -4.14 11.19
N GLY B 173 -11.84 -5.32 11.71
CA GLY B 173 -10.43 -5.62 11.95
C GLY B 173 -10.00 -6.60 10.89
N GLU B 174 -8.91 -6.30 10.18
CA GLU B 174 -8.41 -7.14 9.11
C GLU B 174 -7.19 -7.88 9.64
N PHE B 175 -7.19 -9.20 9.47
CA PHE B 175 -6.15 -10.06 10.05
C PHE B 175 -5.48 -10.90 8.98
N ASP B 176 -4.19 -10.67 8.83
CA ASP B 176 -3.33 -11.51 8.00
C ASP B 176 -2.94 -12.73 8.82
N LEU B 177 -3.37 -13.91 8.35
CA LEU B 177 -3.10 -15.18 9.05
C LEU B 177 -1.99 -15.98 8.40
N TYR B 178 -1.28 -16.77 9.19
CA TYR B 178 -0.11 -17.49 8.71
C TYR B 178 -0.27 -18.96 9.10
N ILE B 179 -1.17 -19.65 8.40
CA ILE B 179 -1.56 -21.02 8.79
C ILE B 179 -0.68 -22.03 8.03
N PRO B 180 0.06 -22.87 8.78
CA PRO B 180 0.97 -23.86 8.18
C PRO B 180 0.23 -24.91 7.37
N LYS B 181 0.92 -25.47 6.38
CA LYS B 181 0.42 -26.57 5.56
C LYS B 181 1.27 -27.81 5.81
N GLY B 182 0.66 -28.98 5.65
CA GLY B 182 1.37 -30.26 5.82
C GLY B 182 1.71 -30.84 4.47
N PRO B 183 2.36 -32.02 4.44
CA PRO B 183 2.78 -32.69 3.20
C PRO B 183 1.67 -33.01 2.20
N ASP B 184 0.44 -33.11 2.70
CA ASP B 184 -0.72 -33.37 1.85
C ASP B 184 -1.30 -32.09 1.23
N GLY B 185 -0.63 -30.96 1.47
CA GLY B 185 -1.04 -29.66 0.91
C GLY B 185 -2.20 -29.02 1.67
N LYS B 186 -2.64 -29.68 2.74
CA LYS B 186 -3.76 -29.18 3.53
C LYS B 186 -3.29 -28.38 4.74
N TYR B 187 -4.12 -27.43 5.19
CA TYR B 187 -3.73 -26.67 6.37
C TYR B 187 -3.66 -27.56 7.59
N LYS B 188 -2.66 -27.31 8.43
CA LYS B 188 -2.48 -28.09 9.65
C LYS B 188 -3.47 -27.73 10.76
N ASP B 189 -3.89 -28.75 11.50
CA ASP B 189 -4.71 -28.57 12.69
C ASP B 189 -3.92 -29.01 13.92
N TYR B 190 -3.89 -28.14 14.92
CA TYR B 190 -3.09 -28.35 16.12
C TYR B 190 -3.99 -28.58 17.33
N ALA B 191 -3.56 -29.47 18.21
CA ALA B 191 -4.33 -29.83 19.38
C ALA B 191 -4.29 -28.74 20.46
N THR B 192 -3.18 -27.98 20.52
CA THR B 192 -3.02 -26.90 21.48
C THR B 192 -2.36 -25.72 20.81
N LEU B 193 -2.58 -24.54 21.40
CA LEU B 193 -1.95 -23.29 20.98
C LEU B 193 -0.42 -23.41 20.88
N ALA B 194 0.22 -23.92 21.94
CA ALA B 194 1.67 -24.05 21.95
C ALA B 194 2.19 -24.89 20.79
N GLU B 195 1.46 -25.93 20.42
CA GLU B 195 1.88 -26.84 19.35
C GLU B 195 1.94 -26.17 17.97
N SER B 196 1.19 -25.06 17.82
CA SER B 196 1.16 -24.34 16.55
C SER B 196 2.32 -23.36 16.37
N TYR B 197 3.02 -23.04 17.45
CA TYR B 197 3.98 -21.93 17.45
C TYR B 197 5.09 -22.04 16.40
N GLY B 198 5.86 -23.12 16.45
CA GLY B 198 7.06 -23.26 15.62
C GLY B 198 6.73 -23.21 14.14
N ASP B 199 5.71 -23.94 13.73
CA ASP B 199 5.32 -24.00 12.32
C ASP B 199 4.79 -22.65 11.84
N THR B 200 4.06 -21.96 12.72
CA THR B 200 3.50 -20.64 12.40
C THR B 200 4.60 -19.59 12.17
N VAL B 201 5.60 -19.58 13.05
CA VAL B 201 6.77 -18.69 12.88
C VAL B 201 7.43 -18.88 11.49
N GLN B 202 7.61 -20.12 11.05
CA GLN B 202 8.16 -20.36 9.70
C GLN B 202 7.32 -19.75 8.56
N VAL B 203 6.00 -19.84 8.69
CA VAL B 203 5.11 -19.22 7.71
C VAL B 203 5.22 -17.69 7.78
N MET B 204 5.19 -17.14 9.00
CA MET B 204 5.33 -15.69 9.19
C MET B 204 6.56 -15.12 8.50
N ARG B 205 7.71 -15.79 8.64
CA ARG B 205 8.97 -15.33 8.04
C ARG B 205 8.94 -15.23 6.51
N THR B 206 8.01 -15.95 5.86
CA THR B 206 7.85 -15.80 4.41
C THR B 206 7.15 -14.50 3.99
N LEU B 207 6.56 -13.81 4.98
CA LEU B 207 5.77 -12.59 4.79
C LEU B 207 4.52 -12.78 3.90
N THR B 208 4.13 -14.03 3.69
CA THR B 208 3.00 -14.33 2.85
C THR B 208 1.87 -14.95 3.69
N PRO B 209 0.76 -14.20 3.86
CA PRO B 209 -0.39 -14.73 4.58
C PRO B 209 -1.08 -15.84 3.81
N SER B 210 -1.54 -16.86 4.53
CA SER B 210 -2.32 -17.94 3.94
C SER B 210 -3.76 -17.50 3.70
N HIS B 211 -4.23 -16.63 4.60
CA HIS B 211 -5.57 -16.06 4.55
C HIS B 211 -5.47 -14.62 5.06
N ILE B 212 -6.37 -13.77 4.60
CA ILE B 212 -6.50 -12.43 5.19
C ILE B 212 -7.98 -12.24 5.42
N VAL B 213 -8.40 -12.04 6.66
CA VAL B 213 -9.84 -12.07 6.95
C VAL B 213 -10.30 -10.81 7.66
N PHE B 214 -11.55 -10.42 7.38
CA PHE B 214 -12.21 -9.43 8.20
C PHE B 214 -12.89 -10.13 9.37
N ASN B 215 -12.68 -9.60 10.57
CA ASN B 215 -13.39 -10.05 11.76
C ASN B 215 -13.35 -11.56 12.02
N GLY B 216 -12.19 -12.13 11.77
CA GLY B 216 -11.88 -13.52 12.17
C GLY B 216 -12.25 -14.65 11.23
N LYS B 217 -12.91 -14.36 10.11
CA LYS B 217 -13.35 -15.47 9.24
C LYS B 217 -13.55 -15.03 7.81
N VAL B 218 -13.21 -15.89 6.86
CA VAL B 218 -13.66 -15.68 5.49
C VAL B 218 -15.18 -15.53 5.48
N GLY B 219 -15.67 -14.45 4.89
CA GLY B 219 -17.10 -14.18 4.84
C GLY B 219 -17.75 -13.84 6.17
N ALA B 220 -16.95 -13.44 7.17
CA ALA B 220 -17.53 -13.03 8.44
C ALA B 220 -18.64 -11.97 8.24
N LEU B 221 -18.38 -10.98 7.41
CA LEU B 221 -19.32 -9.84 7.24
C LEU B 221 -20.25 -10.04 6.05
N THR B 222 -20.95 -11.17 6.10
CA THR B 222 -21.89 -11.59 5.05
C THR B 222 -23.11 -12.19 5.72
N GLY B 223 -24.23 -12.28 4.98
CA GLY B 223 -25.47 -12.86 5.52
C GLY B 223 -26.03 -12.10 6.71
N ALA B 224 -26.30 -12.82 7.81
CA ALA B 224 -26.91 -12.16 8.97
C ALA B 224 -25.95 -11.16 9.59
N ASN B 225 -24.67 -11.31 9.28
CA ASN B 225 -23.64 -10.43 9.84
C ASN B 225 -23.06 -9.46 8.79
N ALA B 226 -23.74 -9.30 7.65
CA ALA B 226 -23.43 -8.22 6.71
C ALA B 226 -23.64 -6.89 7.44
N LEU B 227 -22.82 -5.88 7.10
CA LEU B 227 -23.14 -4.52 7.56
C LEU B 227 -24.42 -4.05 6.89
N THR B 228 -25.15 -3.16 7.55
CA THR B 228 -26.39 -2.67 6.96
C THR B 228 -26.49 -1.15 7.06
N ALA B 229 -27.29 -0.59 6.15
CA ALA B 229 -27.59 0.84 6.11
C ALA B 229 -28.77 1.11 5.19
N LYS B 230 -29.14 2.38 5.09
CA LYS B 230 -30.21 2.83 4.22
C LYS B 230 -29.69 3.97 3.36
N VAL B 231 -30.31 4.15 2.21
CA VAL B 231 -30.06 5.36 1.43
C VAL B 231 -30.32 6.58 2.31
N GLY B 232 -29.35 7.49 2.34
CA GLY B 232 -29.45 8.67 3.19
C GLY B 232 -28.73 8.54 4.52
N GLU B 233 -28.28 7.33 4.87
CA GLU B 233 -27.60 7.08 6.13
C GLU B 233 -26.10 7.30 5.98
N THR B 234 -25.49 7.92 7.00
CA THR B 234 -24.05 8.09 7.07
C THR B 234 -23.44 7.07 8.01
N VAL B 235 -22.48 6.29 7.50
CA VAL B 235 -21.77 5.30 8.28
C VAL B 235 -20.31 5.71 8.48
N LEU B 236 -19.77 5.40 9.64
CA LEU B 236 -18.36 5.53 9.90
C LEU B 236 -17.82 4.11 9.87
N LEU B 237 -16.84 3.88 8.98
CA LEU B 237 -16.24 2.56 8.87
C LEU B 237 -14.83 2.64 9.46
N ILE B 238 -14.64 2.07 10.64
CA ILE B 238 -13.33 2.03 11.30
C ILE B 238 -12.62 0.76 10.81
N HIS B 239 -11.38 0.90 10.34
CA HIS B 239 -10.64 -0.24 9.79
C HIS B 239 -9.29 -0.35 10.48
N SER B 240 -9.04 -1.47 11.15
CA SER B 240 -7.77 -1.66 11.88
C SER B 240 -6.94 -2.74 11.19
N GLN B 241 -5.63 -2.54 11.13
CA GLN B 241 -4.72 -3.60 10.70
C GLN B 241 -3.47 -3.46 11.54
N ALA B 242 -3.32 -4.37 12.50
CA ALA B 242 -2.23 -4.23 13.48
C ALA B 242 -0.86 -4.66 12.96
N ASN B 243 -0.80 -5.32 11.80
CA ASN B 243 0.46 -5.94 11.36
C ASN B 243 0.87 -5.72 9.90
N ARG B 244 -0.08 -5.38 9.04
CA ARG B 244 0.18 -5.39 7.61
C ARG B 244 -0.68 -4.33 6.91
N ASP B 245 -0.16 -3.71 5.86
CA ASP B 245 -0.95 -2.71 5.11
C ASP B 245 -2.21 -3.30 4.49
N THR B 246 -3.22 -2.45 4.34
CA THR B 246 -4.41 -2.78 3.58
C THR B 246 -4.92 -1.52 2.88
N ARG B 247 -5.83 -1.72 1.94
CA ARG B 247 -6.30 -0.63 1.07
C ARG B 247 -7.83 -0.72 0.87
N PRO B 248 -8.58 -0.22 1.88
CA PRO B 248 -10.04 -0.38 1.84
C PRO B 248 -10.71 0.33 0.66
N HIS B 249 -11.79 -0.26 0.17
CA HIS B 249 -12.56 0.26 -0.97
C HIS B 249 -14.01 -0.19 -0.82
N LEU B 250 -14.94 0.72 -1.11
CA LEU B 250 -16.34 0.38 -1.06
C LEU B 250 -16.81 0.33 -2.52
N ILE B 251 -17.11 -0.87 -3.00
CA ILE B 251 -17.48 -1.04 -4.41
C ILE B 251 -18.83 -0.38 -4.70
N GLY B 252 -18.85 0.59 -5.62
CA GLY B 252 -20.08 1.34 -5.91
C GLY B 252 -20.27 2.56 -5.02
N GLY B 253 -19.34 2.74 -4.09
CA GLY B 253 -19.33 3.90 -3.20
C GLY B 253 -17.98 4.60 -3.17
N HIS B 254 -17.77 5.40 -2.14
CA HIS B 254 -16.55 6.21 -1.98
C HIS B 254 -16.30 6.38 -0.50
N GLY B 255 -15.13 6.93 -0.18
CA GLY B 255 -14.91 7.51 1.15
C GLY B 255 -15.22 8.98 1.04
N ASP B 256 -16.37 9.41 1.56
CA ASP B 256 -16.75 10.82 1.41
C ASP B 256 -15.75 11.68 2.14
N TRP B 257 -15.41 11.26 3.36
CA TRP B 257 -14.39 11.94 4.18
C TRP B 257 -13.59 10.81 4.82
N VAL B 258 -12.26 10.82 4.63
CA VAL B 258 -11.42 9.72 5.11
C VAL B 258 -10.21 10.25 5.88
N TRP B 259 -9.95 9.69 7.06
CA TRP B 259 -8.73 9.92 7.81
C TRP B 259 -7.95 8.61 7.72
N GLU B 260 -7.14 8.47 6.66
CA GLU B 260 -6.54 7.13 6.43
C GLU B 260 -5.47 6.81 7.46
N THR B 261 -4.78 7.84 7.95
CA THR B 261 -3.83 7.66 9.06
C THR B 261 -4.56 7.70 10.42
N GLY B 262 -5.85 8.03 10.41
CA GLY B 262 -6.73 7.80 11.56
C GLY B 262 -6.73 8.84 12.69
N LYS B 263 -6.35 10.08 12.40
CA LYS B 263 -6.08 11.01 13.49
C LYS B 263 -6.88 12.29 13.23
N PHE B 264 -7.90 12.51 14.05
CA PHE B 264 -9.01 13.43 13.73
C PHE B 264 -8.64 14.89 13.77
N ALA B 265 -7.48 15.23 14.34
CA ALA B 265 -7.03 16.65 14.35
C ALA B 265 -6.45 17.07 13.00
N ASN B 266 -6.22 16.09 12.12
CA ASN B 266 -5.80 16.32 10.72
C ASN B 266 -7.01 16.41 9.82
N PRO B 267 -6.98 17.29 8.80
CA PRO B 267 -8.12 17.37 7.87
C PRO B 267 -8.29 16.04 7.11
N PRO B 268 -9.54 15.59 6.95
CA PRO B 268 -9.77 14.37 6.16
C PRO B 268 -9.63 14.65 4.67
N GLN B 269 -9.45 13.60 3.87
CA GLN B 269 -9.52 13.73 2.42
C GLN B 269 -10.90 13.32 1.97
N ARG B 270 -11.33 13.86 0.84
CA ARG B 270 -12.66 13.59 0.27
C ARG B 270 -12.64 12.84 -1.07
N ASP B 271 -13.76 12.15 -1.33
CA ASP B 271 -14.05 11.51 -2.64
C ASP B 271 -13.13 10.33 -2.96
N LEU B 272 -12.52 9.72 -1.95
CA LEU B 272 -11.57 8.63 -2.21
C LEU B 272 -12.23 7.43 -2.86
N GLU B 273 -11.50 6.79 -3.77
CA GLU B 273 -11.97 5.49 -4.29
C GLU B 273 -11.44 4.39 -3.36
N THR B 274 -10.16 4.50 -3.00
CA THR B 274 -9.45 3.52 -2.17
C THR B 274 -8.55 4.30 -1.23
N TRP B 275 -8.50 3.87 0.03
CA TRP B 275 -7.62 4.50 0.98
C TRP B 275 -6.62 3.48 1.50
N PHE B 276 -5.74 3.91 2.40
CA PHE B 276 -4.59 3.09 2.79
C PHE B 276 -4.45 3.10 4.32
N ILE B 277 -4.57 1.92 4.91
CA ILE B 277 -4.33 1.74 6.33
C ILE B 277 -2.96 1.09 6.51
N ARG B 278 -2.05 1.85 7.09
CA ARG B 278 -0.69 1.32 7.39
C ARG B 278 -0.73 0.22 8.44
N GLY B 279 0.02 -0.86 8.19
CA GLY B 279 0.18 -1.89 9.23
C GLY B 279 0.58 -1.24 10.53
N GLY B 280 -0.13 -1.59 11.62
CA GLY B 280 0.07 -0.96 12.94
C GLY B 280 -0.75 0.32 13.11
N SER B 281 -1.86 0.41 12.39
CA SER B 281 -2.73 1.58 12.57
C SER B 281 -4.20 1.28 12.35
N ALA B 282 -5.04 2.22 12.78
CA ALA B 282 -6.47 2.21 12.44
C ALA B 282 -6.86 3.51 11.74
N GLY B 283 -7.71 3.39 10.74
CA GLY B 283 -8.20 4.58 10.01
C GLY B 283 -9.71 4.60 10.02
N ALA B 284 -10.30 5.67 9.49
CA ALA B 284 -11.75 5.79 9.52
C ALA B 284 -12.25 6.56 8.32
N ALA B 285 -13.36 6.09 7.77
CA ALA B 285 -14.02 6.71 6.62
C ALA B 285 -15.51 6.93 6.87
N LEU B 286 -16.02 8.09 6.49
CA LEU B 286 -17.45 8.35 6.49
C LEU B 286 -17.97 8.21 5.06
N TYR B 287 -19.16 7.64 4.93
CA TYR B 287 -19.87 7.63 3.66
C TYR B 287 -21.38 7.69 3.86
N THR B 288 -22.02 8.49 3.01
CA THR B 288 -23.48 8.61 3.02
C THR B 288 -24.04 7.88 1.82
N PHE B 289 -24.84 6.85 2.08
CA PHE B 289 -25.36 6.06 0.98
C PHE B 289 -26.32 6.83 0.11
N LYS B 290 -26.18 6.60 -1.19
CA LYS B 290 -27.00 7.26 -2.21
C LYS B 290 -27.79 6.28 -3.07
N GLN B 291 -27.38 5.01 -3.07
CA GLN B 291 -28.04 3.97 -3.86
C GLN B 291 -28.27 2.75 -2.98
N PRO B 292 -29.39 2.03 -3.19
CA PRO B 292 -29.62 0.77 -2.50
C PRO B 292 -28.79 -0.34 -3.15
N GLY B 293 -28.72 -1.47 -2.47
CA GLY B 293 -28.12 -2.67 -3.02
C GLY B 293 -27.10 -3.24 -2.08
N VAL B 294 -26.50 -4.36 -2.48
CA VAL B 294 -25.49 -5.00 -1.67
C VAL B 294 -24.15 -4.56 -2.23
N TYR B 295 -23.41 -3.79 -1.44
CA TYR B 295 -22.07 -3.30 -1.75
C TYR B 295 -21.04 -4.30 -1.24
N ALA B 296 -19.88 -4.36 -1.91
CA ALA B 296 -18.73 -5.04 -1.31
C ALA B 296 -17.80 -4.01 -0.69
N TYR B 297 -17.33 -4.31 0.52
CA TYR B 297 -16.32 -3.50 1.18
C TYR B 297 -15.10 -4.40 1.29
N LEU B 298 -14.00 -3.98 0.70
CA LEU B 298 -12.87 -4.92 0.58
C LEU B 298 -11.50 -4.26 0.55
N ASN B 299 -10.48 -5.09 0.73
CA ASN B 299 -9.07 -4.73 0.54
C ASN B 299 -8.84 -4.79 -0.98
N HIS B 300 -8.49 -3.66 -1.62
CA HIS B 300 -8.40 -3.63 -3.10
C HIS B 300 -7.05 -4.10 -3.66
N ASN B 301 -6.35 -4.95 -2.90
CA ASN B 301 -5.56 -5.96 -3.61
C ASN B 301 -6.55 -7.11 -3.80
N LEU B 302 -7.03 -7.25 -5.02
CA LEU B 302 -8.19 -8.14 -5.27
C LEU B 302 -7.86 -9.63 -5.06
N ILE B 303 -6.58 -9.97 -5.12
CA ILE B 303 -6.16 -11.30 -4.73
C ILE B 303 -6.38 -11.46 -3.22
N GLU B 304 -5.91 -10.47 -2.46
CA GLU B 304 -6.09 -10.49 -1.01
C GLU B 304 -7.59 -10.55 -0.64
N ALA B 305 -8.41 -9.81 -1.39
CA ALA B 305 -9.86 -9.79 -1.18
C ALA B 305 -10.55 -11.12 -1.55
N PHE B 306 -10.49 -11.48 -2.84
CA PHE B 306 -11.30 -12.60 -3.36
C PHE B 306 -10.66 -13.98 -3.21
N GLU B 307 -9.35 -14.04 -3.27
CA GLU B 307 -8.64 -15.31 -3.03
C GLU B 307 -8.34 -15.58 -1.55
N LEU B 308 -7.93 -14.58 -0.81
CA LEU B 308 -7.46 -14.79 0.56
C LEU B 308 -8.47 -14.48 1.68
N GLY B 309 -9.55 -13.77 1.36
CA GLY B 309 -10.67 -13.55 2.29
C GLY B 309 -11.02 -12.13 2.75
N ALA B 310 -10.28 -11.12 2.26
CA ALA B 310 -10.41 -9.75 2.80
C ALA B 310 -11.52 -8.93 2.13
N ALA B 311 -12.76 -9.33 2.41
CA ALA B 311 -13.94 -8.79 1.74
C ALA B 311 -15.18 -9.05 2.58
N GLY B 312 -16.09 -8.08 2.61
CA GLY B 312 -17.38 -8.23 3.32
C GLY B 312 -18.45 -7.48 2.55
N HIS B 313 -19.67 -7.51 3.09
CA HIS B 313 -20.81 -6.91 2.43
C HIS B 313 -21.44 -5.83 3.28
N ILE B 314 -22.00 -4.83 2.61
CA ILE B 314 -22.96 -3.89 3.21
C ILE B 314 -24.28 -3.96 2.45
N LYS B 315 -25.35 -4.34 3.15
CA LYS B 315 -26.68 -4.41 2.54
C LYS B 315 -27.44 -3.10 2.81
N VAL B 316 -27.80 -2.42 1.73
CA VAL B 316 -28.40 -1.09 1.81
C VAL B 316 -29.81 -1.03 1.23
N GLU B 317 -30.75 -0.58 2.07
CA GLU B 317 -32.15 -0.42 1.67
C GLU B 317 -32.41 0.94 1.07
N GLY B 318 -33.41 1.00 0.21
CA GLY B 318 -33.87 2.29 -0.28
C GLY B 318 -34.20 2.27 -1.76
N LYS B 319 -34.39 3.47 -2.30
CA LYS B 319 -34.87 3.68 -3.65
C LYS B 319 -33.73 3.95 -4.64
N TRP B 320 -33.73 3.25 -5.76
CA TRP B 320 -32.73 3.48 -6.81
C TRP B 320 -32.78 4.89 -7.43
N ASN B 321 -31.60 5.43 -7.71
CA ASN B 321 -31.48 6.78 -8.26
C ASN B 321 -30.93 6.73 -9.69
N ASP B 322 -31.82 6.85 -10.67
CA ASP B 322 -31.42 6.82 -12.09
C ASP B 322 -30.57 8.01 -12.52
N ASP B 323 -30.68 9.13 -11.82
CA ASP B 323 -29.83 10.27 -12.12
C ASP B 323 -28.36 9.92 -11.91
N LEU B 324 -28.05 9.25 -10.80
CA LEU B 324 -26.67 8.87 -10.51
C LEU B 324 -26.17 7.75 -11.42
N MET B 325 -27.04 6.79 -11.73
CA MET B 325 -26.68 5.66 -12.60
C MET B 325 -27.91 5.06 -13.27
N LYS B 326 -27.84 4.85 -14.58
CA LYS B 326 -28.96 4.28 -15.31
C LYS B 326 -28.47 3.30 -16.37
N GLN B 327 -29.09 2.13 -16.41
CA GLN B 327 -28.83 1.19 -17.49
C GLN B 327 -29.60 1.67 -18.70
N ILE B 328 -28.87 2.22 -19.67
CA ILE B 328 -29.50 2.83 -20.81
C ILE B 328 -29.95 1.74 -21.78
N LYS B 329 -29.06 0.77 -22.01
CA LYS B 329 -29.38 -0.42 -22.79
C LYS B 329 -28.89 -1.67 -22.08
N ALA B 330 -29.84 -2.55 -21.75
CA ALA B 330 -29.50 -3.83 -21.14
C ALA B 330 -28.66 -4.71 -22.08
N PRO B 331 -27.82 -5.60 -21.50
CA PRO B 331 -27.10 -6.56 -22.36
C PRO B 331 -28.02 -7.20 -23.40
N ALA B 332 -27.62 -7.08 -24.67
CA ALA B 332 -28.39 -7.55 -25.83
C ALA B 332 -27.43 -7.83 -26.98
N PRO B 333 -27.87 -8.59 -28.01
CA PRO B 333 -26.93 -8.90 -29.09
C PRO B 333 -26.40 -7.65 -29.78
N ILE B 334 -25.14 -7.74 -30.20
CA ILE B 334 -24.49 -6.68 -30.95
C ILE B 334 -25.22 -6.56 -32.29
N PRO B 335 -25.67 -5.35 -32.65
CA PRO B 335 -26.36 -5.14 -33.93
C PRO B 335 -25.49 -5.50 -35.14
N ASP C 2 24.07 33.65 -9.49
CA ASP C 2 25.27 32.90 -9.96
C ASP C 2 25.88 32.14 -8.78
N ALA C 3 25.90 30.81 -8.88
CA ALA C 3 26.39 29.93 -7.82
C ALA C 3 27.88 30.14 -7.57
N ASP C 4 28.66 30.26 -8.64
CA ASP C 4 30.02 30.77 -8.51
C ASP C 4 29.83 32.18 -7.95
N LYS C 5 30.82 32.72 -7.24
CA LYS C 5 30.64 34.03 -6.59
C LYS C 5 29.91 33.92 -5.24
N LEU C 6 29.19 32.84 -5.02
CA LEU C 6 28.56 32.63 -3.73
C LEU C 6 29.63 32.12 -2.75
N PRO C 7 29.52 32.50 -1.46
CA PRO C 7 30.44 31.97 -0.46
C PRO C 7 30.38 30.46 -0.35
N HIS C 8 31.54 29.83 -0.19
CA HIS C 8 31.63 28.39 0.00
C HIS C 8 31.87 28.05 1.46
N THR C 9 31.27 26.95 1.90
CA THR C 9 31.57 26.42 3.20
C THR C 9 31.79 24.91 3.09
N LYS C 10 32.60 24.36 3.99
CA LYS C 10 32.89 22.94 4.01
C LYS C 10 32.32 22.33 5.28
N VAL C 11 31.60 21.23 5.11
CA VAL C 11 31.00 20.55 6.25
C VAL C 11 31.63 19.19 6.47
N THR C 12 31.96 18.90 7.72
CA THR C 12 32.46 17.58 8.09
C THR C 12 31.28 16.68 8.45
N LEU C 13 31.18 15.56 7.75
CA LEU C 13 30.08 14.63 7.99
C LEU C 13 30.34 13.78 9.23
N VAL C 14 29.26 13.29 9.83
CA VAL C 14 29.35 12.39 10.98
C VAL C 14 28.59 11.08 10.70
N ALA C 15 28.96 10.02 11.40
CA ALA C 15 28.32 8.71 11.17
C ALA C 15 26.92 8.64 11.76
N PRO C 16 26.00 8.03 11.03
CA PRO C 16 24.70 7.69 11.60
C PRO C 16 24.85 6.91 12.90
N PRO C 17 23.86 7.00 13.81
CA PRO C 17 22.60 7.72 13.65
C PRO C 17 22.66 9.20 13.96
N GLN C 18 23.86 9.73 14.25
CA GLN C 18 23.98 11.17 14.44
C GLN C 18 23.88 11.90 13.11
N VAL C 19 23.66 13.21 13.20
CA VAL C 19 23.58 14.11 12.04
C VAL C 19 24.49 15.29 12.36
N HIS C 20 25.30 15.71 11.39
CA HIS C 20 26.31 16.76 11.59
C HIS C 20 25.66 18.04 12.12
N PRO C 21 26.37 18.79 12.98
CA PRO C 21 25.81 20.03 13.52
C PRO C 21 25.33 20.96 12.40
N HIS C 22 24.16 21.55 12.59
CA HIS C 22 23.53 22.50 11.64
C HIS C 22 22.74 23.45 12.56
N GLU C 23 22.54 24.72 12.24
CA GLU C 23 21.30 25.43 11.88
C GLU C 23 19.96 24.91 11.38
N GLN C 24 18.91 25.21 12.14
CA GLN C 24 17.53 25.09 11.62
C GLN C 24 17.18 26.44 10.99
N ALA C 25 16.42 27.30 11.67
CA ALA C 25 16.25 28.67 11.16
C ALA C 25 17.63 29.34 11.10
N THR C 26 17.97 29.93 9.96
CA THR C 26 19.26 30.59 9.80
C THR C 26 19.11 32.03 9.30
N LYS C 27 20.04 32.88 9.71
CA LYS C 27 20.14 34.24 9.19
C LYS C 27 21.06 34.28 7.97
N SER C 28 21.79 33.19 7.73
CA SER C 28 22.73 33.11 6.61
C SER C 28 22.02 33.18 5.28
N GLY C 29 22.69 33.80 4.30
CA GLY C 29 22.25 33.76 2.91
C GLY C 29 22.66 32.43 2.28
N PRO C 30 22.20 32.17 1.04
CA PRO C 30 22.59 30.97 0.32
C PRO C 30 24.10 30.82 0.16
N LYS C 31 24.57 29.59 0.22
CA LYS C 31 25.99 29.28 0.08
C LYS C 31 26.17 27.99 -0.70
N VAL C 32 27.39 27.76 -1.18
CA VAL C 32 27.75 26.50 -1.77
C VAL C 32 28.33 25.66 -0.65
N VAL C 33 27.63 24.58 -0.31
CA VAL C 33 28.06 23.74 0.81
C VAL C 33 28.82 22.54 0.30
N GLU C 34 30.10 22.44 0.68
CA GLU C 34 30.97 21.40 0.14
C GLU C 34 31.02 20.19 1.07
N PHE C 35 30.80 19.02 0.48
CA PHE C 35 30.90 17.72 1.15
C PHE C 35 31.82 16.80 0.35
N THR C 36 32.44 15.87 1.05
CA THR C 36 33.13 14.74 0.41
C THR C 36 32.60 13.43 0.98
N MET C 37 32.42 12.44 0.10
CA MET C 37 32.16 11.07 0.51
C MET C 37 33.04 10.11 -0.25
N THR C 38 33.49 9.09 0.45
CA THR C 38 34.35 8.08 -0.11
C THR C 38 33.61 6.74 -0.04
N ILE C 39 33.54 6.06 -1.17
CA ILE C 39 32.86 4.78 -1.25
C ILE C 39 33.70 3.68 -0.61
N GLU C 40 33.06 2.80 0.17
CA GLU C 40 33.74 1.62 0.68
C GLU C 40 32.92 0.35 0.45
N GLU C 41 33.47 -0.57 -0.34
CA GLU C 41 32.90 -1.90 -0.48
C GLU C 41 33.52 -2.72 0.64
N LYS C 42 32.70 -3.48 1.36
CA LYS C 42 33.25 -4.31 2.45
C LYS C 42 32.28 -5.37 2.89
N LYS C 43 32.83 -6.47 3.40
CA LYS C 43 32.02 -7.51 4.02
C LYS C 43 31.60 -7.10 5.44
N MET C 44 30.30 -7.20 5.71
CA MET C 44 29.74 -6.76 7.00
C MET C 44 28.90 -7.87 7.65
N VAL C 45 29.02 -8.02 8.97
CA VAL C 45 28.20 -8.98 9.71
C VAL C 45 26.87 -8.30 10.00
N ILE C 46 25.77 -8.90 9.57
CA ILE C 46 24.48 -8.19 9.64
C ILE C 46 23.50 -8.75 10.68
N ASP C 47 23.86 -9.86 11.32
CA ASP C 47 23.00 -10.42 12.36
C ASP C 47 23.82 -11.08 13.46
N ASP C 48 23.13 -11.59 14.48
CA ASP C 48 23.86 -12.10 15.64
C ASP C 48 24.21 -13.58 15.50
N LYS C 49 23.94 -14.16 14.32
CA LYS C 49 24.37 -15.51 14.01
C LYS C 49 25.62 -15.54 13.14
N GLY C 50 26.15 -14.34 12.84
CA GLY C 50 27.35 -14.21 12.03
C GLY C 50 27.15 -14.16 10.52
N THR C 51 25.90 -14.06 10.08
CA THR C 51 25.61 -13.91 8.65
C THR C 51 26.30 -12.68 8.10
N THR C 52 26.88 -12.80 6.90
CA THR C 52 27.55 -11.67 6.27
C THR C 52 26.84 -11.14 5.02
N LEU C 53 27.07 -9.86 4.76
CA LEU C 53 26.61 -9.22 3.54
C LEU C 53 27.86 -8.70 2.85
N GLN C 54 27.99 -8.98 1.56
CA GLN C 54 28.99 -8.30 0.74
C GLN C 54 28.38 -6.92 0.42
N ALA C 55 28.78 -5.93 1.22
CA ALA C 55 28.11 -4.63 1.22
C ALA C 55 28.87 -3.60 0.42
N MET C 56 28.15 -2.54 0.03
CA MET C 56 28.76 -1.38 -0.60
C MET C 56 28.19 -0.19 0.13
N THR C 57 29.04 0.75 0.50
CA THR C 57 28.61 1.88 1.34
C THR C 57 29.18 3.20 0.86
N PHE C 58 28.46 4.28 1.15
CA PHE C 58 29.02 5.64 1.17
C PHE C 58 29.61 5.90 2.55
N ASN C 59 30.90 6.22 2.60
CA ASN C 59 31.59 6.57 3.84
C ASN C 59 31.71 5.48 4.91
N GLY C 60 31.54 4.22 4.53
CA GLY C 60 31.80 3.10 5.43
C GLY C 60 30.60 2.70 6.28
N SER C 61 29.46 3.36 6.07
CA SER C 61 28.28 3.11 6.92
C SER C 61 27.03 2.83 6.09
N MET C 62 26.08 2.12 6.70
CA MET C 62 24.74 1.94 6.16
C MET C 62 23.80 2.52 7.21
N PRO C 63 23.05 3.60 6.88
CA PRO C 63 23.05 4.34 5.64
C PRO C 63 24.31 5.19 5.56
N GLY C 64 24.57 5.80 4.40
CA GLY C 64 25.58 6.84 4.32
C GLY C 64 25.20 7.98 5.25
N PRO C 65 26.13 8.92 5.50
CA PRO C 65 25.81 10.04 6.36
C PRO C 65 24.71 10.95 5.78
N THR C 66 23.99 11.60 6.69
CA THR C 66 23.02 12.61 6.30
C THR C 66 23.72 13.94 6.04
N LEU C 67 23.42 14.52 4.89
CA LEU C 67 23.92 15.84 4.51
C LEU C 67 22.79 16.87 4.77
N VAL C 68 23.09 17.95 5.50
CA VAL C 68 22.08 19.00 5.83
C VAL C 68 22.61 20.19 5.08
N VAL C 69 21.84 20.72 4.14
CA VAL C 69 21.64 22.15 3.94
C VAL C 69 20.32 22.89 4.09
N HIS C 70 20.26 24.11 3.54
CA HIS C 70 19.05 24.93 3.58
C HIS C 70 18.57 25.23 2.16
N GLU C 71 17.27 25.40 2.00
CA GLU C 71 16.67 25.64 0.70
C GLU C 71 17.33 26.86 0.06
N GLY C 72 17.77 26.71 -1.18
CA GLY C 72 18.47 27.80 -1.86
C GLY C 72 19.99 27.69 -1.83
N ASP C 73 20.50 26.84 -0.93
CA ASP C 73 21.92 26.49 -0.95
C ASP C 73 22.19 25.64 -2.16
N TYR C 74 23.48 25.51 -2.50
CA TYR C 74 23.92 24.57 -3.50
C TYR C 74 24.75 23.49 -2.78
N VAL C 75 24.51 22.24 -3.14
CA VAL C 75 25.30 21.12 -2.64
C VAL C 75 26.42 20.85 -3.64
N GLN C 76 27.66 20.84 -3.15
CA GLN C 76 28.80 20.49 -3.98
C GLN C 76 29.54 19.30 -3.38
N LEU C 77 29.31 18.13 -3.96
CA LEU C 77 29.82 16.88 -3.43
C LEU C 77 30.98 16.35 -4.26
N THR C 78 32.10 16.10 -3.60
CA THR C 78 33.15 15.31 -4.19
C THR C 78 32.95 13.86 -3.81
N LEU C 79 32.76 13.01 -4.81
CA LEU C 79 32.58 11.57 -4.62
C LEU C 79 33.86 10.86 -5.00
N VAL C 80 34.41 10.09 -4.05
CA VAL C 80 35.69 9.37 -4.22
C VAL C 80 35.47 7.87 -4.24
N ASN C 81 35.99 7.21 -5.28
CA ASN C 81 35.96 5.77 -5.41
C ASN C 81 37.38 5.22 -5.36
N PRO C 82 37.94 4.96 -4.15
CA PRO C 82 39.30 4.43 -4.04
C PRO C 82 39.62 3.21 -4.91
N ALA C 83 40.91 3.12 -5.29
CA ALA C 83 41.40 2.00 -6.08
C ALA C 83 41.26 0.64 -5.40
N THR C 84 41.05 0.64 -4.08
CA THR C 84 40.81 -0.58 -3.32
C THR C 84 39.42 -1.21 -3.62
N ASN C 85 38.51 -0.44 -4.20
CA ASN C 85 37.19 -0.98 -4.61
C ASN C 85 37.21 -1.73 -5.94
N ALA C 86 36.20 -2.57 -6.14
CA ALA C 86 36.07 -3.39 -7.33
C ALA C 86 35.13 -2.83 -8.42
N MET C 87 34.12 -2.05 -8.00
CA MET C 87 33.01 -1.70 -8.89
C MET C 87 33.00 -0.21 -9.19
N PRO C 88 32.43 0.17 -10.34
CA PRO C 88 32.17 1.58 -10.55
C PRO C 88 30.95 2.00 -9.73
N HIS C 89 30.89 3.28 -9.39
CA HIS C 89 29.79 3.81 -8.59
C HIS C 89 29.44 5.19 -9.12
N ASN C 90 28.34 5.75 -8.62
CA ASN C 90 27.99 7.14 -8.88
C ASN C 90 27.05 7.60 -7.76
N VAL C 91 26.41 8.75 -7.92
CA VAL C 91 25.40 9.17 -6.94
C VAL C 91 24.22 9.84 -7.65
N ASP C 92 23.01 9.49 -7.22
CA ASP C 92 21.73 10.04 -7.70
C ASP C 92 21.14 10.71 -6.45
N PHE C 93 21.00 12.03 -6.48
CA PHE C 93 20.33 12.77 -5.42
C PHE C 93 18.87 13.02 -5.82
N HIS C 94 17.92 12.45 -5.09
CA HIS C 94 16.51 12.77 -5.32
C HIS C 94 16.21 14.26 -5.09
N GLY C 95 17.10 14.96 -4.35
CA GLY C 95 16.95 16.40 -4.06
C GLY C 95 17.34 17.30 -5.24
N ALA C 96 17.96 16.68 -6.23
CA ALA C 96 18.56 17.37 -7.37
C ALA C 96 17.69 17.32 -8.62
N THR C 97 17.92 18.26 -9.52
CA THR C 97 17.20 18.32 -10.77
C THR C 97 18.15 18.15 -11.97
N GLY C 98 17.91 17.10 -12.76
CA GLY C 98 18.69 16.82 -13.98
C GLY C 98 19.62 15.64 -13.91
N ALA C 99 20.00 15.14 -15.10
CA ALA C 99 21.03 14.13 -15.29
C ALA C 99 20.85 12.90 -14.39
N LEU C 100 19.62 12.40 -14.32
CA LEU C 100 19.28 11.23 -13.49
C LEU C 100 19.72 11.43 -12.04
N GLY C 101 19.50 12.64 -11.54
CA GLY C 101 19.81 13.02 -10.16
C GLY C 101 21.28 13.29 -9.89
N GLY C 102 22.09 13.33 -10.94
CA GLY C 102 23.54 13.51 -10.82
C GLY C 102 24.33 12.28 -11.22
N ALA C 103 23.63 11.16 -11.42
CA ALA C 103 24.27 9.87 -11.70
C ALA C 103 25.08 9.90 -12.98
N LYS C 104 24.52 10.56 -14.00
CA LYS C 104 25.17 10.66 -15.31
C LYS C 104 26.47 11.48 -15.27
N LEU C 105 26.63 12.28 -14.22
CA LEU C 105 27.76 13.20 -14.09
C LEU C 105 28.82 12.74 -13.11
N THR C 106 28.57 11.63 -12.44
CA THR C 106 29.42 11.17 -11.32
C THR C 106 29.85 9.69 -11.42
N ASN C 107 29.88 9.16 -12.64
CA ASN C 107 30.32 7.79 -12.90
C ASN C 107 31.82 7.67 -12.64
N VAL C 108 32.16 7.09 -11.49
CA VAL C 108 33.55 6.95 -11.05
C VAL C 108 33.96 5.47 -10.97
N ASN C 109 35.02 5.12 -11.71
CA ASN C 109 35.67 3.82 -11.58
C ASN C 109 36.62 3.82 -10.39
N PRO C 110 36.98 2.62 -9.89
CA PRO C 110 37.96 2.59 -8.80
C PRO C 110 39.22 3.33 -9.23
N GLY C 111 39.72 4.16 -8.33
CA GLY C 111 40.84 5.07 -8.60
C GLY C 111 40.42 6.44 -9.09
N GLU C 112 39.11 6.68 -9.20
CA GLU C 112 38.59 7.97 -9.70
C GLU C 112 37.73 8.74 -8.68
N GLN C 113 37.63 10.04 -8.90
CA GLN C 113 36.68 10.89 -8.18
C GLN C 113 36.04 11.90 -9.13
N ALA C 114 34.91 12.46 -8.70
CA ALA C 114 34.22 13.52 -9.45
C ALA C 114 33.57 14.49 -8.49
N THR C 115 33.36 15.72 -8.95
CA THR C 115 32.68 16.77 -8.16
C THR C 115 31.41 17.28 -8.88
N LEU C 116 30.29 17.23 -8.15
CA LEU C 116 28.99 17.61 -8.66
C LEU C 116 28.45 18.73 -7.82
N ARG C 117 27.90 19.76 -8.48
CA ARG C 117 27.14 20.78 -7.76
C ARG C 117 25.68 20.76 -8.22
N PHE C 118 24.76 20.94 -7.28
CA PHE C 118 23.36 21.14 -7.68
C PHE C 118 22.66 22.07 -6.70
N LYS C 119 21.62 22.73 -7.18
CA LYS C 119 20.86 23.63 -6.35
C LYS C 119 19.85 22.85 -5.53
N ALA C 120 19.88 23.05 -4.23
CA ALA C 120 18.91 22.43 -3.33
C ALA C 120 17.71 23.38 -3.22
N ASP C 121 16.86 23.39 -4.23
CA ASP C 121 15.81 24.37 -4.31
C ASP C 121 14.48 23.89 -3.75
N ARG C 122 14.46 22.65 -3.26
CA ARG C 122 13.24 22.09 -2.67
C ARG C 122 13.49 21.59 -1.27
N SER C 123 12.67 22.03 -0.31
CA SER C 123 12.88 21.61 1.09
C SER C 123 12.35 20.20 1.34
N GLY C 124 13.01 19.49 2.26
CA GLY C 124 12.59 18.14 2.60
C GLY C 124 13.75 17.23 2.91
N THR C 125 13.41 16.00 3.31
CA THR C 125 14.40 14.94 3.42
C THR C 125 14.33 14.16 2.11
N PHE C 126 15.47 13.92 1.44
CA PHE C 126 15.46 13.25 0.14
C PHE C 126 16.50 12.12 0.17
N VAL C 127 16.16 10.96 -0.38
CA VAL C 127 17.13 9.87 -0.53
C VAL C 127 18.21 10.29 -1.55
N TYR C 128 19.45 9.89 -1.27
CA TYR C 128 20.49 9.78 -2.30
C TYR C 128 20.92 8.33 -2.34
N HIS C 129 21.32 7.86 -3.51
CA HIS C 129 21.77 6.46 -3.64
C HIS C 129 22.61 6.29 -4.90
N CYS C 130 23.37 5.19 -4.91
CA CYS C 130 24.18 4.87 -6.06
C CYS C 130 23.25 4.32 -7.12
N ALA C 131 23.56 4.57 -8.39
CA ALA C 131 22.72 4.09 -9.48
C ALA C 131 23.53 3.80 -10.75
N PRO C 132 24.41 2.78 -10.70
CA PRO C 132 25.19 2.53 -11.92
C PRO C 132 24.33 1.82 -12.96
N GLU C 133 24.39 2.27 -14.22
CA GLU C 133 23.52 1.75 -15.25
C GLU C 133 23.59 0.23 -15.29
N GLY C 134 22.42 -0.41 -15.26
CA GLY C 134 22.30 -1.86 -15.35
C GLY C 134 22.51 -2.58 -14.02
N MET C 135 22.87 -1.84 -12.98
CA MET C 135 23.28 -2.42 -11.71
C MET C 135 22.59 -1.76 -10.51
N VAL C 136 21.59 -0.94 -10.78
CA VAL C 136 20.99 -0.10 -9.74
C VAL C 136 20.45 -0.85 -8.51
N PRO C 137 19.54 -1.83 -8.70
CA PRO C 137 18.96 -2.45 -7.49
C PRO C 137 20.02 -3.11 -6.59
N TRP C 138 20.99 -3.79 -7.20
CA TRP C 138 22.02 -4.48 -6.43
C TRP C 138 22.85 -3.50 -5.57
N HIS C 139 23.27 -2.39 -6.17
CA HIS C 139 24.03 -1.39 -5.43
C HIS C 139 23.23 -0.76 -4.29
N VAL C 140 21.95 -0.52 -4.54
CA VAL C 140 21.09 0.08 -3.50
C VAL C 140 20.84 -0.91 -2.35
N VAL C 141 20.44 -2.15 -2.65
CA VAL C 141 20.12 -3.10 -1.57
C VAL C 141 21.36 -3.57 -0.81
N SER C 142 22.54 -3.43 -1.43
CA SER C 142 23.81 -3.78 -0.79
C SER C 142 24.31 -2.68 0.16
N GLY C 143 23.62 -1.55 0.19
CA GLY C 143 23.89 -0.53 1.20
C GLY C 143 24.09 0.92 0.76
N MET C 144 24.10 1.17 -0.54
CA MET C 144 24.46 2.50 -1.03
C MET C 144 23.33 3.52 -1.06
N SER C 145 22.91 3.96 0.12
CA SER C 145 21.90 5.03 0.21
C SER C 145 22.04 5.83 1.49
N GLY C 146 21.51 7.05 1.48
CA GLY C 146 21.49 7.92 2.64
C GLY C 146 20.52 9.06 2.42
N THR C 147 20.60 10.09 3.26
CA THR C 147 19.62 11.19 3.21
C THR C 147 20.29 12.53 3.03
N LEU C 148 19.67 13.35 2.18
CA LEU C 148 19.98 14.78 2.10
C LEU C 148 18.81 15.51 2.74
N MET C 149 19.09 16.27 3.79
CA MET C 149 18.02 17.08 4.40
C MET C 149 18.18 18.55 4.01
N VAL C 150 17.16 19.09 3.33
CA VAL C 150 17.16 20.48 2.88
C VAL C 150 16.14 21.22 3.76
N LEU C 151 16.63 21.96 4.74
CA LEU C 151 15.73 22.62 5.69
C LEU C 151 15.21 23.93 5.08
N PRO C 152 13.94 24.30 5.38
CA PRO C 152 13.54 25.66 5.00
C PRO C 152 14.46 26.65 5.69
N ARG C 153 14.73 27.79 5.04
CA ARG C 153 15.68 28.75 5.61
C ARG C 153 15.20 29.28 6.96
N ASP C 154 13.89 29.26 7.11
CA ASP C 154 13.15 29.77 8.22
C ASP C 154 12.87 28.66 9.27
N GLY C 155 13.39 27.45 9.04
CA GLY C 155 13.11 26.31 9.91
C GLY C 155 11.77 25.61 9.63
N LEU C 156 11.52 24.54 10.37
CA LEU C 156 10.28 23.77 10.20
C LEU C 156 9.06 24.51 10.71
N LYS C 157 7.93 24.29 10.05
CA LYS C 157 6.68 24.97 10.43
C LYS C 157 5.49 24.00 10.47
N ASP C 158 4.56 24.28 11.38
CA ASP C 158 3.33 23.48 11.48
C ASP C 158 2.28 23.92 10.44
N PRO C 159 1.11 23.25 10.39
CA PRO C 159 0.10 23.60 9.36
C PRO C 159 -0.39 25.05 9.39
N GLN C 160 -0.26 25.70 10.54
CA GLN C 160 -0.73 27.07 10.72
C GLN C 160 0.42 28.06 10.55
N GLY C 161 1.61 27.52 10.27
CA GLY C 161 2.79 28.33 9.99
C GLY C 161 3.57 28.67 11.24
N LYS C 162 3.24 28.00 12.34
CA LYS C 162 3.96 28.20 13.62
C LYS C 162 5.32 27.49 13.64
N PRO C 163 6.33 28.10 14.29
CA PRO C 163 7.63 27.44 14.21
C PRO C 163 7.72 26.16 15.01
N LEU C 164 8.38 25.18 14.42
CA LEU C 164 8.69 23.92 15.05
C LEU C 164 10.19 23.80 15.13
N HIS C 165 10.67 23.32 16.27
CA HIS C 165 12.12 23.26 16.53
C HIS C 165 12.47 21.94 17.22
N TYR C 166 13.54 21.28 16.75
CA TYR C 166 14.03 20.07 17.44
C TYR C 166 15.32 20.33 18.19
N ASP C 167 15.57 19.52 19.23
CA ASP C 167 16.77 19.61 20.06
C ASP C 167 17.89 18.70 19.55
N ARG C 168 17.53 17.58 18.95
CA ARG C 168 18.49 16.67 18.33
C ARG C 168 17.83 15.93 17.18
N ALA C 169 18.65 15.54 16.19
CA ALA C 169 18.15 14.79 15.03
C ALA C 169 18.84 13.45 15.04
N TYR C 170 18.09 12.41 14.71
CA TYR C 170 18.68 11.10 14.46
C TYR C 170 18.33 10.68 13.04
N THR C 171 19.22 9.94 12.40
CA THR C 171 18.93 9.44 11.07
C THR C 171 18.98 7.90 11.07
N ILE C 172 17.89 7.31 10.59
CA ILE C 172 17.73 5.85 10.50
C ILE C 172 17.53 5.46 9.04
N GLY C 173 18.42 4.58 8.56
CA GLY C 173 18.23 3.99 7.25
C GLY C 173 17.80 2.56 7.44
N GLU C 174 16.72 2.18 6.77
CA GLU C 174 16.22 0.83 6.80
C GLU C 174 16.58 0.12 5.51
N PHE C 175 17.18 -1.05 5.65
CA PHE C 175 17.74 -1.81 4.55
C PHE C 175 17.15 -3.20 4.45
N ASP C 176 16.41 -3.43 3.37
CA ASP C 176 15.90 -4.76 3.05
C ASP C 176 17.03 -5.51 2.38
N LEU C 177 17.45 -6.62 2.99
CA LEU C 177 18.59 -7.40 2.48
C LEU C 177 18.11 -8.70 1.89
N TYR C 178 18.88 -9.21 0.94
CA TYR C 178 18.51 -10.37 0.13
C TYR C 178 19.68 -11.35 0.12
N ILE C 179 19.92 -12.00 1.26
CA ILE C 179 21.11 -12.84 1.39
C ILE C 179 20.81 -14.28 0.93
N PRO C 180 21.58 -14.79 -0.06
CA PRO C 180 21.35 -16.13 -0.59
C PRO C 180 21.61 -17.24 0.43
N LYS C 181 20.92 -18.36 0.24
CA LYS C 181 21.14 -19.57 1.03
C LYS C 181 21.71 -20.69 0.16
N GLY C 182 22.52 -21.56 0.77
CA GLY C 182 23.04 -22.74 0.07
C GLY C 182 22.11 -23.94 0.18
N PRO C 183 22.45 -25.06 -0.50
CA PRO C 183 21.64 -26.27 -0.43
C PRO C 183 21.36 -26.76 1.00
N ASP C 184 22.26 -26.46 1.94
CA ASP C 184 22.06 -26.83 3.36
C ASP C 184 21.13 -25.88 4.14
N GLY C 185 20.55 -24.90 3.45
CA GLY C 185 19.65 -23.94 4.08
C GLY C 185 20.36 -22.86 4.89
N LYS C 186 21.69 -22.85 4.86
CA LYS C 186 22.47 -21.85 5.58
C LYS C 186 22.76 -20.68 4.66
N TYR C 187 22.82 -19.47 5.23
CA TYR C 187 23.24 -18.31 4.45
C TYR C 187 24.62 -18.50 3.86
N LYS C 188 24.77 -18.10 2.60
CA LYS C 188 26.04 -18.17 1.89
C LYS C 188 27.00 -17.07 2.34
N ASP C 189 28.28 -17.40 2.38
CA ASP C 189 29.31 -16.43 2.71
C ASP C 189 30.24 -16.37 1.50
N TYR C 190 30.51 -15.17 1.01
CA TYR C 190 31.24 -14.99 -0.24
C TYR C 190 32.61 -14.37 -0.03
N ALA C 191 33.60 -14.89 -0.76
CA ALA C 191 34.96 -14.39 -0.70
C ALA C 191 35.06 -12.96 -1.22
N THR C 192 34.30 -12.68 -2.29
CA THR C 192 34.38 -11.39 -2.99
C THR C 192 32.98 -10.84 -3.31
N LEU C 193 32.91 -9.54 -3.56
CA LEU C 193 31.65 -8.86 -3.91
C LEU C 193 31.03 -9.41 -5.19
N ALA C 194 31.81 -9.47 -6.26
CA ALA C 194 31.32 -9.95 -7.56
C ALA C 194 30.72 -11.36 -7.47
N GLU C 195 31.33 -12.19 -6.62
CA GLU C 195 30.89 -13.55 -6.34
C GLU C 195 29.44 -13.63 -5.86
N SER C 196 29.02 -12.62 -5.10
CA SER C 196 27.67 -12.61 -4.50
C SER C 196 26.57 -12.21 -5.50
N TYR C 197 26.96 -11.60 -6.62
CA TYR C 197 25.99 -10.97 -7.52
C TYR C 197 24.83 -11.85 -7.97
N GLY C 198 25.13 -12.93 -8.70
CA GLY C 198 24.11 -13.78 -9.30
C GLY C 198 23.10 -14.37 -8.34
N ASP C 199 23.58 -14.93 -7.23
CA ASP C 199 22.73 -15.54 -6.24
C ASP C 199 21.81 -14.49 -5.60
N THR C 200 22.37 -13.30 -5.38
CA THR C 200 21.60 -12.20 -4.75
C THR C 200 20.44 -11.75 -5.66
N VAL C 201 20.70 -11.65 -6.96
CA VAL C 201 19.66 -11.24 -7.91
C VAL C 201 18.49 -12.23 -7.85
N GLN C 202 18.77 -13.52 -7.70
CA GLN C 202 17.69 -14.50 -7.58
C GLN C 202 16.86 -14.28 -6.33
N VAL C 203 17.51 -13.94 -5.22
CA VAL C 203 16.77 -13.69 -3.97
C VAL C 203 15.96 -12.41 -4.15
N MET C 204 16.59 -11.37 -4.69
CA MET C 204 15.87 -10.10 -4.97
C MET C 204 14.57 -10.31 -5.74
N ARG C 205 14.63 -11.16 -6.77
CA ARG C 205 13.48 -11.36 -7.64
C ARG C 205 12.26 -12.00 -6.95
N THR C 206 12.49 -12.65 -5.79
CA THR C 206 11.40 -13.18 -4.94
C THR C 206 10.68 -12.11 -4.14
N LEU C 207 11.27 -10.90 -4.12
CA LEU C 207 10.71 -9.75 -3.41
C LEU C 207 10.60 -9.97 -1.89
N THR C 208 11.24 -11.02 -1.39
CA THR C 208 11.20 -11.38 0.03
C THR C 208 12.57 -11.18 0.69
N PRO C 209 12.71 -10.12 1.50
CA PRO C 209 13.97 -9.91 2.18
C PRO C 209 14.28 -11.05 3.15
N SER C 210 15.56 -11.43 3.25
CA SER C 210 16.00 -12.36 4.28
C SER C 210 16.12 -11.66 5.63
N HIS C 211 16.47 -10.38 5.60
CA HIS C 211 16.67 -9.55 6.78
C HIS C 211 16.17 -8.17 6.41
N ILE C 212 15.67 -7.42 7.38
CA ILE C 212 15.40 -5.98 7.21
C ILE C 212 16.00 -5.29 8.42
N VAL C 213 17.01 -4.44 8.20
CA VAL C 213 17.79 -3.94 9.34
C VAL C 213 17.84 -2.42 9.40
N PHE C 214 17.81 -1.86 10.61
CA PHE C 214 18.15 -0.45 10.78
C PHE C 214 19.67 -0.31 10.83
N ASN C 215 20.20 0.62 10.05
CA ASN C 215 21.60 1.04 10.16
C ASN C 215 22.62 -0.11 10.07
N GLY C 216 22.32 -1.08 9.20
CA GLY C 216 23.30 -2.06 8.76
C GLY C 216 23.34 -3.39 9.50
N LYS C 217 22.58 -3.54 10.59
CA LYS C 217 22.51 -4.85 11.22
C LYS C 217 21.43 -5.00 12.27
N VAL C 218 21.03 -6.25 12.49
CA VAL C 218 20.10 -6.56 13.57
C VAL C 218 20.67 -5.98 14.86
N GLY C 219 19.83 -5.21 15.55
CA GLY C 219 20.19 -4.64 16.84
C GLY C 219 21.20 -3.50 16.82
N ALA C 220 21.46 -2.91 15.64
CA ALA C 220 22.38 -1.79 15.52
C ALA C 220 22.01 -0.64 16.46
N LEU C 221 20.72 -0.36 16.61
CA LEU C 221 20.27 0.75 17.45
C LEU C 221 19.73 0.31 18.83
N THR C 222 20.46 -0.61 19.48
CA THR C 222 20.05 -1.16 20.78
C THR C 222 21.25 -1.23 21.72
N GLY C 223 20.99 -1.41 23.02
CA GLY C 223 22.05 -1.56 24.02
C GLY C 223 22.91 -0.32 24.13
N ALA C 224 24.23 -0.49 24.13
CA ALA C 224 25.14 0.64 24.22
C ALA C 224 24.88 1.64 23.08
N ASN C 225 24.28 1.14 21.99
CA ASN C 225 24.03 1.94 20.78
C ASN C 225 22.56 2.39 20.60
N ALA C 226 21.77 2.30 21.67
CA ALA C 226 20.40 2.79 21.63
C ALA C 226 20.43 4.28 21.41
N LEU C 227 19.39 4.82 20.77
CA LEU C 227 19.21 6.26 20.69
C LEU C 227 18.84 6.74 22.08
N THR C 228 19.11 8.01 22.37
CA THR C 228 18.80 8.56 23.68
C THR C 228 18.08 9.90 23.57
N ALA C 229 17.29 10.18 24.60
CA ALA C 229 16.63 11.47 24.78
C ALA C 229 16.25 11.62 26.24
N LYS C 230 15.53 12.70 26.53
CA LYS C 230 15.00 12.92 27.86
C LYS C 230 13.61 13.52 27.77
N VAL C 231 12.84 13.38 28.85
CA VAL C 231 11.53 14.01 28.92
C VAL C 231 11.69 15.50 28.63
N GLY C 232 10.83 16.02 27.76
CA GLY C 232 10.82 17.45 27.40
C GLY C 232 11.62 17.76 26.14
N GLU C 233 12.46 16.81 25.75
CA GLU C 233 13.32 16.99 24.56
C GLU C 233 12.55 16.65 23.29
N THR C 234 12.74 17.49 22.26
CA THR C 234 12.11 17.24 20.98
C THR C 234 13.15 16.64 20.03
N VAL C 235 12.81 15.49 19.43
CA VAL C 235 13.72 14.77 18.55
C VAL C 235 13.12 14.73 17.15
N LEU C 236 13.98 14.91 16.15
CA LEU C 236 13.63 14.63 14.75
C LEU C 236 14.13 13.25 14.36
N LEU C 237 13.22 12.40 13.89
CA LEU C 237 13.59 11.08 13.44
C LEU C 237 13.48 11.04 11.92
N ILE C 238 14.64 11.04 11.26
CA ILE C 238 14.70 10.97 9.80
C ILE C 238 14.74 9.49 9.43
N HIS C 239 13.86 9.05 8.56
CA HIS C 239 13.80 7.61 8.21
C HIS C 239 13.88 7.44 6.71
N SER C 240 14.91 6.73 6.22
CA SER C 240 15.05 6.52 4.79
C SER C 240 14.91 5.06 4.41
N GLN C 241 14.28 4.85 3.27
CA GLN C 241 14.17 3.51 2.70
C GLN C 241 14.24 3.68 1.19
N ALA C 242 15.38 3.31 0.63
CA ALA C 242 15.62 3.57 -0.78
C ALA C 242 14.96 2.59 -1.75
N ASN C 243 14.47 1.45 -1.25
CA ASN C 243 13.96 0.40 -2.13
C ASN C 243 12.59 -0.17 -1.82
N ARG C 244 12.14 -0.02 -0.58
CA ARG C 244 10.97 -0.80 -0.14
C ARG C 244 10.21 -0.01 0.91
N ASP C 245 8.89 -0.17 0.93
CA ASP C 245 8.05 0.58 1.87
C ASP C 245 8.35 0.19 3.30
N THR C 246 8.14 1.13 4.23
CA THR C 246 8.21 0.82 5.65
C THR C 246 7.19 1.67 6.42
N ARG C 247 6.93 1.29 7.67
CA ARG C 247 5.87 1.93 8.46
C ARG C 247 6.34 2.22 9.88
N PRO C 248 7.09 3.32 10.06
CA PRO C 248 7.67 3.59 11.37
C PRO C 248 6.63 3.86 12.46
N HIS C 249 6.98 3.43 13.68
CA HIS C 249 6.14 3.59 14.84
C HIS C 249 7.03 3.69 16.08
N LEU C 250 6.68 4.59 16.99
CA LEU C 250 7.39 4.67 18.26
C LEU C 250 6.51 4.08 19.37
N ILE C 251 6.89 2.92 19.89
CA ILE C 251 6.07 2.25 20.90
C ILE C 251 6.03 3.04 22.20
N GLY C 252 4.83 3.46 22.57
CA GLY C 252 4.64 4.28 23.77
C GLY C 252 4.70 5.77 23.48
N GLY C 253 4.94 6.10 22.21
CA GLY C 253 4.96 7.49 21.74
C GLY C 253 4.10 7.68 20.50
N HIS C 254 4.38 8.77 19.79
CA HIS C 254 3.64 9.17 18.59
C HIS C 254 4.54 9.96 17.68
N GLY C 255 4.07 10.21 16.46
CA GLY C 255 4.66 11.25 15.64
C GLY C 255 3.85 12.51 15.91
N ASP C 256 4.41 13.44 16.68
CA ASP C 256 3.73 14.70 17.00
C ASP C 256 3.42 15.48 15.71
N TRP C 257 4.43 15.59 14.86
CA TRP C 257 4.31 16.25 13.56
C TRP C 257 5.13 15.42 12.59
N VAL C 258 4.49 14.94 11.53
CA VAL C 258 5.14 14.02 10.61
C VAL C 258 4.95 14.45 9.16
N TRP C 259 6.06 14.47 8.42
CA TRP C 259 6.02 14.66 6.98
C TRP C 259 6.34 13.28 6.40
N GLU C 260 5.33 12.43 6.19
CA GLU C 260 5.68 11.04 5.82
C GLU C 260 6.26 10.94 4.41
N THR C 261 5.80 11.80 3.51
CA THR C 261 6.42 11.91 2.17
C THR C 261 7.67 12.78 2.19
N GLY C 262 7.92 13.43 3.32
CA GLY C 262 9.22 14.04 3.61
C GLY C 262 9.51 15.39 3.02
N LYS C 263 8.48 16.14 2.64
CA LYS C 263 8.69 17.43 1.94
C LYS C 263 8.08 18.59 2.72
N PHE C 264 8.95 19.48 3.21
CA PHE C 264 8.62 20.40 4.32
C PHE C 264 7.69 21.56 3.93
N ALA C 265 7.53 21.80 2.64
CA ALA C 265 6.58 22.82 2.18
C ALA C 265 5.14 22.35 2.30
N ASN C 266 4.95 21.05 2.53
CA ASN C 266 3.62 20.50 2.80
C ASN C 266 3.32 20.50 4.28
N PRO C 267 2.06 20.74 4.65
CA PRO C 267 1.83 20.71 6.10
C PRO C 267 2.03 19.30 6.68
N PRO C 268 2.57 19.21 7.90
CA PRO C 268 2.69 17.87 8.50
C PRO C 268 1.35 17.38 9.06
N GLN C 269 1.25 16.07 9.28
CA GLN C 269 0.16 15.52 10.06
C GLN C 269 0.59 15.37 11.54
N ARG C 270 -0.39 15.42 12.44
CA ARG C 270 -0.11 15.30 13.87
C ARG C 270 -0.72 14.05 14.49
N ASP C 271 -0.15 13.64 15.64
CA ASP C 271 -0.72 12.59 16.49
C ASP C 271 -0.65 11.20 15.87
N LEU C 272 0.26 11.00 14.92
CA LEU C 272 0.31 9.73 14.22
C LEU C 272 0.72 8.58 15.14
N GLU C 273 0.08 7.42 14.98
CA GLU C 273 0.57 6.23 15.68
C GLU C 273 1.65 5.57 14.81
N THR C 274 1.34 5.45 13.53
CA THR C 274 2.25 4.83 12.58
C THR C 274 2.22 5.64 11.31
N TRP C 275 3.39 5.84 10.70
CA TRP C 275 3.44 6.57 9.44
C TRP C 275 4.00 5.71 8.33
N PHE C 276 4.14 6.27 7.13
CA PHE C 276 4.47 5.43 5.97
C PHE C 276 5.53 6.08 5.14
N ILE C 277 6.67 5.38 4.98
CA ILE C 277 7.75 5.85 4.13
C ILE C 277 7.72 4.99 2.85
N ARG C 278 7.41 5.62 1.73
CA ARG C 278 7.40 4.96 0.44
C ARG C 278 8.82 4.52 0.05
N GLY C 279 8.93 3.30 -0.48
CA GLY C 279 10.22 2.85 -1.02
C GLY C 279 10.71 3.90 -2.00
N GLY C 280 11.95 4.34 -1.82
CA GLY C 280 12.53 5.39 -2.68
C GLY C 280 12.32 6.76 -2.09
N SER C 281 12.16 6.83 -0.78
CA SER C 281 11.97 8.14 -0.14
C SER C 281 12.50 8.21 1.28
N ALA C 282 12.59 9.44 1.79
CA ALA C 282 12.90 9.67 3.20
C ALA C 282 11.81 10.58 3.77
N GLY C 283 11.39 10.26 4.99
CA GLY C 283 10.40 11.08 5.69
C GLY C 283 10.95 11.50 7.04
N ALA C 284 10.20 12.31 7.76
CA ALA C 284 10.69 12.86 9.01
C ALA C 284 9.56 13.05 9.98
N ALA C 285 9.86 12.72 11.24
CA ALA C 285 8.89 12.89 12.31
C ALA C 285 9.51 13.64 13.48
N LEU C 286 8.73 14.54 14.07
CA LEU C 286 9.08 15.18 15.34
C LEU C 286 8.33 14.52 16.49
N TYR C 287 9.03 14.29 17.60
CA TYR C 287 8.35 13.90 18.85
C TYR C 287 9.00 14.54 20.07
N THR C 288 8.17 15.05 20.98
CA THR C 288 8.63 15.55 22.27
C THR C 288 8.29 14.51 23.36
N PHE C 289 9.33 13.93 23.96
CA PHE C 289 9.13 12.92 25.02
C PHE C 289 8.43 13.48 26.24
N LYS C 290 7.49 12.69 26.75
CA LYS C 290 6.70 13.06 27.91
C LYS C 290 6.87 12.04 29.04
N GLN C 291 7.44 10.89 28.72
CA GLN C 291 7.65 9.81 29.68
C GLN C 291 9.06 9.25 29.54
N PRO C 292 9.68 8.91 30.69
CA PRO C 292 10.95 8.22 30.62
C PRO C 292 10.75 6.74 30.30
N GLY C 293 11.85 6.08 29.97
CA GLY C 293 11.89 4.63 29.83
C GLY C 293 12.50 4.21 28.52
N VAL C 294 12.49 2.91 28.25
CA VAL C 294 13.04 2.45 26.97
C VAL C 294 11.90 2.26 25.96
N TYR C 295 11.94 3.05 24.88
CA TYR C 295 10.99 2.96 23.78
C TYR C 295 11.57 2.06 22.72
N ALA C 296 10.69 1.41 21.95
CA ALA C 296 11.10 0.80 20.68
C ALA C 296 10.66 1.66 19.52
N TYR C 297 11.54 1.78 18.54
CA TYR C 297 11.23 2.48 17.31
C TYR C 297 11.34 1.43 16.23
N LEU C 298 10.26 1.18 15.50
CA LEU C 298 10.27 0.04 14.60
C LEU C 298 9.38 0.17 13.40
N ASN C 299 9.56 -0.74 12.46
CA ASN C 299 8.67 -0.94 11.30
C ASN C 299 7.50 -1.77 11.82
N HIS C 300 6.29 -1.26 11.70
CA HIS C 300 5.12 -1.93 12.33
C HIS C 300 4.45 -2.99 11.46
N ASN C 301 5.18 -3.53 10.49
CA ASN C 301 4.93 -4.93 10.17
C ASN C 301 5.80 -5.68 11.20
N LEU C 302 5.13 -6.23 12.20
CA LEU C 302 5.85 -6.74 13.38
C LEU C 302 6.73 -7.94 13.08
N ILE C 303 6.39 -8.64 12.00
CA ILE C 303 7.25 -9.74 11.50
C ILE C 303 8.54 -9.10 11.00
N GLU C 304 8.39 -8.09 10.16
CA GLU C 304 9.55 -7.37 9.66
C GLU C 304 10.41 -6.81 10.80
N ALA C 305 9.77 -6.30 11.85
CA ALA C 305 10.49 -5.75 13.02
C ALA C 305 11.20 -6.83 13.86
N PHE C 306 10.43 -7.77 14.39
CA PHE C 306 10.96 -8.69 15.41
C PHE C 306 11.58 -9.96 14.85
N GLU C 307 11.07 -10.43 13.72
CA GLU C 307 11.66 -11.60 13.09
C GLU C 307 12.82 -11.21 12.19
N LEU C 308 12.66 -10.13 11.42
CA LEU C 308 13.63 -9.82 10.38
C LEU C 308 14.67 -8.76 10.76
N GLY C 309 14.41 -7.95 11.80
CA GLY C 309 15.41 -7.02 12.33
C GLY C 309 15.12 -5.52 12.32
N ALA C 310 13.93 -5.12 11.87
CA ALA C 310 13.64 -3.69 11.65
C ALA C 310 13.10 -3.00 12.90
N ALA C 311 13.99 -2.88 13.89
CA ALA C 311 13.65 -2.35 15.21
C ALA C 311 14.87 -1.78 15.91
N GLY C 312 14.68 -0.67 16.61
CA GLY C 312 15.71 -0.10 17.47
C GLY C 312 15.11 0.37 18.79
N HIS C 313 15.95 0.90 19.68
CA HIS C 313 15.49 1.41 20.97
C HIS C 313 15.87 2.87 21.14
N ILE C 314 15.04 3.57 21.92
CA ILE C 314 15.38 4.89 22.42
C ILE C 314 15.27 4.85 23.96
N LYS C 315 16.39 5.12 24.63
CA LYS C 315 16.42 5.20 26.09
C LYS C 315 16.22 6.65 26.53
N VAL C 316 15.19 6.87 27.32
CA VAL C 316 14.75 8.22 27.68
C VAL C 316 14.81 8.44 29.20
N GLU C 317 15.57 9.46 29.59
CA GLU C 317 15.71 9.84 31.00
C GLU C 317 14.60 10.79 31.42
N GLY C 318 14.36 10.90 32.73
CA GLY C 318 13.38 11.85 33.23
C GLY C 318 12.36 11.28 34.20
N LYS C 319 11.40 12.11 34.57
CA LYS C 319 10.46 11.78 35.64
C LYS C 319 9.17 11.19 35.07
N TRP C 320 8.76 10.05 35.61
CA TRP C 320 7.46 9.44 35.24
C TRP C 320 6.28 10.38 35.51
N ASN C 321 5.34 10.43 34.57
CA ASN C 321 4.14 11.27 34.65
C ASN C 321 2.90 10.40 34.89
N ASP C 322 2.41 10.36 36.14
CA ASP C 322 1.22 9.57 36.51
C ASP C 322 -0.08 10.08 35.91
N ASP C 323 -0.13 11.37 35.54
CA ASP C 323 -1.30 11.87 34.84
C ASP C 323 -1.45 11.19 33.48
N LEU C 324 -0.33 11.03 32.77
CA LEU C 324 -0.38 10.41 31.44
C LEU C 324 -0.67 8.92 31.48
N MET C 325 -0.11 8.23 32.47
CA MET C 325 -0.31 6.79 32.60
C MET C 325 -0.01 6.36 34.04
N LYS C 326 -0.92 5.58 34.63
CA LYS C 326 -0.80 5.09 36.01
C LYS C 326 -1.17 3.61 36.07
N GLN C 327 -0.33 2.81 36.71
CA GLN C 327 -0.70 1.44 37.05
C GLN C 327 -1.60 1.49 38.28
N ILE C 328 -2.90 1.30 38.08
CA ILE C 328 -3.88 1.38 39.16
C ILE C 328 -3.80 0.13 40.05
N LYS C 329 -3.76 -1.04 39.41
CA LYS C 329 -3.57 -2.31 40.09
C LYS C 329 -2.49 -3.09 39.34
N ALA C 330 -1.37 -3.37 40.01
CA ALA C 330 -0.33 -4.21 39.41
C ALA C 330 -0.89 -5.63 39.24
N PRO C 331 -0.34 -6.40 38.27
CA PRO C 331 -0.75 -7.78 38.07
C PRO C 331 -0.82 -8.54 39.40
N ALA C 332 -1.97 -9.17 39.63
CA ALA C 332 -2.25 -9.89 40.86
C ALA C 332 -3.24 -11.02 40.56
N PRO C 333 -3.26 -12.05 41.43
CA PRO C 333 -4.16 -13.19 41.18
C PRO C 333 -5.63 -12.78 41.09
N ILE C 334 -6.34 -13.39 40.16
CA ILE C 334 -7.79 -13.23 40.05
C ILE C 334 -8.40 -13.87 41.31
N PRO C 335 -9.34 -13.16 41.96
CA PRO C 335 -9.89 -13.61 43.25
C PRO C 335 -10.45 -15.04 43.24
N GLN D 7 -14.96 -45.94 -13.08
CA GLN D 7 -13.74 -45.36 -12.46
C GLN D 7 -13.32 -44.10 -13.21
N LEU D 8 -13.11 -43.01 -12.48
CA LEU D 8 -12.68 -41.74 -13.09
C LEU D 8 -11.26 -41.80 -13.64
N ASP D 9 -10.96 -40.89 -14.56
CA ASP D 9 -9.61 -40.74 -15.09
C ASP D 9 -9.00 -39.42 -14.59
N PRO D 10 -7.73 -39.45 -14.17
CA PRO D 10 -7.09 -38.26 -13.60
C PRO D 10 -7.08 -37.07 -14.58
N ALA D 11 -7.11 -37.35 -15.88
CA ALA D 11 -7.13 -36.29 -16.90
C ALA D 11 -8.36 -35.34 -16.75
N GLY D 12 -9.47 -35.88 -16.25
CA GLY D 12 -10.70 -35.08 -16.09
C GLY D 12 -10.57 -34.00 -15.04
N GLU D 13 -10.23 -34.42 -13.82
CA GLU D 13 -9.94 -33.48 -12.74
C GLU D 13 -8.86 -32.47 -13.13
N LYS D 14 -7.79 -32.93 -13.77
CA LYS D 14 -6.70 -32.04 -14.21
C LYS D 14 -7.24 -30.94 -15.14
N LEU D 15 -8.06 -31.33 -16.10
CA LEU D 15 -8.66 -30.35 -17.00
C LEU D 15 -9.57 -29.40 -16.20
N TYR D 16 -10.38 -29.99 -15.32
CA TYR D 16 -11.29 -29.21 -14.51
C TYR D 16 -10.49 -28.15 -13.74
N ARG D 17 -9.41 -28.57 -13.07
CA ARG D 17 -8.61 -27.66 -12.24
C ARG D 17 -7.89 -26.58 -13.03
N SER D 18 -7.63 -26.84 -14.32
CA SER D 18 -6.89 -25.89 -15.13
C SER D 18 -7.79 -24.83 -15.73
N ALA D 19 -9.04 -25.18 -15.99
CA ALA D 19 -9.92 -24.33 -16.81
C ALA D 19 -11.34 -24.17 -16.28
N CYS D 20 -12.10 -25.27 -16.32
CA CYS D 20 -13.52 -25.28 -15.96
C CYS D 20 -13.81 -24.64 -14.60
N VAL D 21 -12.87 -24.81 -13.67
CA VAL D 21 -13.01 -24.32 -12.29
C VAL D 21 -13.27 -22.82 -12.24
N VAL D 22 -12.80 -22.07 -13.26
CA VAL D 22 -12.97 -20.61 -13.19
C VAL D 22 -14.43 -20.19 -13.06
N CYS D 23 -15.33 -20.94 -13.69
CA CYS D 23 -16.77 -20.68 -13.60
C CYS D 23 -17.53 -21.60 -12.65
N HIS D 24 -17.07 -22.84 -12.54
CA HIS D 24 -17.85 -23.84 -11.84
C HIS D 24 -17.54 -23.98 -10.34
N ALA D 25 -16.47 -23.34 -9.88
CA ALA D 25 -16.12 -23.33 -8.44
C ALA D 25 -17.17 -22.58 -7.64
N SER D 26 -17.29 -21.29 -7.93
CA SER D 26 -18.46 -20.54 -7.55
C SER D 26 -19.41 -20.81 -8.72
N GLY D 27 -20.39 -19.96 -8.98
CA GLY D 27 -21.21 -20.16 -10.16
C GLY D 27 -21.20 -18.94 -11.04
N VAL D 28 -20.06 -18.69 -11.69
CA VAL D 28 -19.94 -17.57 -12.64
C VAL D 28 -21.06 -17.70 -13.67
N ALA D 29 -21.80 -16.60 -13.87
CA ALA D 29 -22.91 -16.58 -14.82
C ALA D 29 -23.94 -17.70 -14.61
N ASN D 30 -24.18 -18.06 -13.34
CA ASN D 30 -25.15 -19.11 -12.98
C ASN D 30 -24.71 -20.50 -13.41
N ALA D 31 -23.40 -20.71 -13.53
CA ALA D 31 -22.89 -22.05 -13.83
C ALA D 31 -23.20 -22.97 -12.65
N PRO D 32 -23.68 -24.21 -12.93
CA PRO D 32 -23.94 -25.12 -11.81
C PRO D 32 -22.65 -25.41 -11.07
N LYS D 33 -22.61 -25.11 -9.76
CA LYS D 33 -21.40 -25.21 -8.98
C LYS D 33 -20.99 -26.66 -8.77
N LEU D 34 -19.68 -26.91 -8.77
CA LEU D 34 -19.15 -28.24 -8.52
C LEU D 34 -19.65 -28.70 -7.17
N GLY D 35 -20.26 -29.88 -7.14
CA GLY D 35 -20.68 -30.50 -5.89
C GLY D 35 -22.07 -30.10 -5.42
N ASP D 36 -22.70 -29.19 -6.15
CA ASP D 36 -24.05 -28.76 -5.77
C ASP D 36 -25.06 -29.87 -6.09
N LYS D 37 -25.40 -30.68 -5.08
CA LYS D 37 -26.21 -31.88 -5.28
C LYS D 37 -27.57 -31.63 -5.92
N GLN D 38 -28.28 -30.61 -5.44
CA GLN D 38 -29.59 -30.31 -6.00
C GLN D 38 -29.52 -29.74 -7.41
N ALA D 39 -28.59 -28.82 -7.63
CA ALA D 39 -28.41 -28.18 -8.94
C ALA D 39 -28.09 -29.20 -10.03
N TRP D 40 -27.32 -30.22 -9.67
CA TRP D 40 -26.83 -31.20 -10.65
C TRP D 40 -27.78 -32.36 -10.92
N ALA D 41 -28.76 -32.56 -10.06
CA ALA D 41 -29.71 -33.67 -10.21
C ALA D 41 -30.35 -33.75 -11.62
N PRO D 42 -30.89 -32.63 -12.15
CA PRO D 42 -31.45 -32.72 -13.51
C PRO D 42 -30.42 -33.05 -14.59
N PHE D 43 -29.18 -32.60 -14.39
CA PHE D 43 -28.10 -32.87 -15.35
C PHE D 43 -27.70 -34.33 -15.35
N LEU D 44 -27.55 -34.89 -14.16
CA LEU D 44 -27.31 -36.32 -14.00
C LEU D 44 -28.37 -37.15 -14.74
N ALA D 45 -29.61 -36.68 -14.67
CA ALA D 45 -30.75 -37.36 -15.29
C ALA D 45 -30.73 -37.30 -16.82
N GLN D 46 -30.12 -36.25 -17.38
CA GLN D 46 -29.91 -36.13 -18.83
C GLN D 46 -28.90 -37.15 -19.32
N GLY D 47 -27.95 -37.49 -18.47
CA GLY D 47 -26.91 -38.46 -18.80
C GLY D 47 -25.66 -37.79 -19.34
N ALA D 48 -24.57 -38.56 -19.32
CA ALA D 48 -23.25 -38.03 -19.65
C ALA D 48 -23.08 -37.59 -21.10
N ASP D 49 -23.62 -38.35 -22.04
CA ASP D 49 -23.51 -38.01 -23.46
C ASP D 49 -24.13 -36.65 -23.77
N ALA D 50 -25.31 -36.38 -23.20
CA ALA D 50 -25.98 -35.10 -23.42
C ALA D 50 -25.18 -33.93 -22.85
N LEU D 51 -24.65 -34.13 -21.64
CA LEU D 51 -23.84 -33.10 -20.99
C LEU D 51 -22.58 -32.80 -21.81
N LEU D 52 -21.92 -33.87 -22.27
CA LEU D 52 -20.72 -33.72 -23.10
C LEU D 52 -21.02 -32.95 -24.39
N ALA D 53 -22.14 -33.26 -25.03
CA ALA D 53 -22.59 -32.54 -26.23
C ALA D 53 -22.80 -31.05 -26.00
N THR D 54 -23.36 -30.72 -24.84
CA THR D 54 -23.52 -29.32 -24.45
C THR D 54 -22.18 -28.61 -24.26
N VAL D 55 -21.21 -29.30 -23.65
CA VAL D 55 -19.88 -28.71 -23.39
C VAL D 55 -19.19 -28.42 -24.72
N LEU D 56 -19.23 -29.40 -25.63
CA LEU D 56 -18.63 -29.25 -26.95
C LEU D 56 -19.22 -28.07 -27.73
N LYS D 57 -20.54 -27.95 -27.69
CA LYS D 57 -21.26 -26.91 -28.42
C LYS D 57 -21.06 -25.54 -27.80
N GLY D 58 -21.07 -25.49 -26.46
CA GLY D 58 -21.16 -24.24 -25.73
C GLY D 58 -22.63 -24.00 -25.42
N LYS D 59 -22.90 -23.23 -24.37
CA LYS D 59 -24.27 -22.91 -23.96
C LYS D 59 -24.22 -21.65 -23.11
N GLY D 60 -24.99 -20.64 -23.50
CA GLY D 60 -24.98 -19.36 -22.78
C GLY D 60 -23.58 -18.80 -22.60
N ALA D 61 -23.22 -18.50 -21.34
CA ALA D 61 -21.92 -17.94 -21.00
C ALA D 61 -20.79 -18.99 -21.01
N MET D 62 -21.13 -20.26 -21.23
CA MET D 62 -20.09 -21.30 -21.36
C MET D 62 -19.67 -21.39 -22.82
N PRO D 63 -18.40 -21.04 -23.10
CA PRO D 63 -17.92 -21.07 -24.49
C PRO D 63 -17.75 -22.49 -25.00
N PRO D 64 -17.73 -22.67 -26.33
CA PRO D 64 -17.53 -24.04 -26.85
C PRO D 64 -16.31 -24.74 -26.20
N ARG D 65 -16.47 -26.04 -25.92
CA ARG D 65 -15.44 -26.89 -25.29
C ARG D 65 -15.02 -26.36 -23.92
N GLY D 66 -15.94 -25.63 -23.27
CA GLY D 66 -15.64 -24.99 -21.99
C GLY D 66 -14.47 -24.03 -22.11
N GLY D 67 -14.25 -23.51 -23.32
CA GLY D 67 -13.14 -22.60 -23.61
C GLY D 67 -11.77 -23.24 -23.62
N THR D 68 -11.70 -24.55 -23.87
CA THR D 68 -10.42 -25.25 -23.93
C THR D 68 -10.17 -25.82 -25.33
N ALA D 69 -8.97 -26.36 -25.54
CA ALA D 69 -8.64 -27.05 -26.77
C ALA D 69 -8.51 -28.56 -26.50
N ALA D 70 -9.11 -29.01 -25.40
CA ALA D 70 -9.03 -30.42 -24.99
C ALA D 70 -9.76 -31.31 -26.01
N ASP D 71 -9.30 -32.55 -26.12
CA ASP D 71 -10.01 -33.49 -26.98
C ASP D 71 -11.30 -34.02 -26.32
N GLU D 72 -12.13 -34.67 -27.13
CA GLU D 72 -13.42 -35.14 -26.66
C GLU D 72 -13.28 -36.09 -25.47
N ALA D 73 -12.30 -37.01 -25.51
CA ALA D 73 -12.10 -37.94 -24.40
C ALA D 73 -11.74 -37.22 -23.08
N THR D 74 -10.94 -36.17 -23.18
CA THR D 74 -10.52 -35.46 -21.98
C THR D 74 -11.73 -34.68 -21.46
N LEU D 75 -12.48 -34.05 -22.38
CA LEU D 75 -13.70 -33.36 -21.98
C LEU D 75 -14.72 -34.33 -21.34
N ARG D 76 -14.85 -35.52 -21.91
CA ARG D 76 -15.73 -36.54 -21.31
C ARG D 76 -15.32 -36.85 -19.87
N ALA D 77 -14.00 -36.96 -19.66
CA ALA D 77 -13.43 -37.24 -18.35
C ALA D 77 -13.70 -36.11 -17.35
N ALA D 78 -13.67 -34.86 -17.83
CA ALA D 78 -13.93 -33.71 -16.97
C ALA D 78 -15.42 -33.66 -16.61
N VAL D 79 -16.28 -33.95 -17.58
CA VAL D 79 -17.72 -34.05 -17.32
C VAL D 79 -17.94 -35.14 -16.26
N ALA D 80 -17.28 -36.28 -16.41
CA ALA D 80 -17.40 -37.39 -15.46
C ALA D 80 -16.98 -37.00 -14.04
N TYR D 81 -15.89 -36.23 -13.92
CA TYR D 81 -15.44 -35.74 -12.63
C TYR D 81 -16.50 -34.83 -11.99
N MET D 82 -17.10 -33.98 -12.83
CA MET D 82 -18.10 -33.03 -12.35
C MET D 82 -19.36 -33.75 -11.85
N MET D 83 -19.84 -34.71 -12.66
CA MET D 83 -20.97 -35.57 -12.28
C MET D 83 -20.68 -36.31 -10.97
N ASP D 84 -19.49 -36.91 -10.85
CA ASP D 84 -19.07 -37.64 -9.66
C ASP D 84 -19.20 -36.78 -8.38
N ALA D 85 -18.79 -35.52 -8.48
CA ALA D 85 -18.76 -34.63 -7.31
C ALA D 85 -20.18 -34.31 -6.81
N ALA D 86 -21.17 -34.55 -7.66
CA ALA D 86 -22.56 -34.20 -7.41
C ALA D 86 -23.37 -35.38 -6.88
N ARG D 87 -22.73 -36.54 -6.78
CA ARG D 87 -23.41 -37.74 -6.32
C ARG D 87 -23.39 -37.88 -4.81
CU CU E . -13.34 -9.23 -18.11
CU CU F . -12.30 -1.89 -8.08
CU CU G . -1.14 -12.06 24.02
CU CU H . 1.91 -1.57 18.07
CU CU I . 27.49 1.75 -6.30
CU CU J . 16.14 6.78 -6.66
CHA HEM K . -22.94 -25.63 -17.85
CHB HEM K . -19.08 -28.51 -17.81
CHC HEM K . -16.29 -24.70 -18.64
CHD HEM K . -19.98 -21.83 -17.57
C1A HEM K . -22.18 -26.81 -17.82
C2A HEM K . -22.65 -28.12 -17.80
C3A HEM K . -21.54 -28.93 -17.80
C4A HEM K . -20.42 -28.12 -17.81
CMA HEM K . -21.49 -30.47 -17.77
CAA HEM K . -24.12 -28.54 -17.79
CBA HEM K . -24.69 -28.50 -19.19
CGA HEM K . -26.08 -27.87 -19.15
O1A HEM K . -26.23 -26.83 -18.48
O2A HEM K . -26.97 -28.47 -19.79
C1B HEM K . -17.95 -27.77 -18.12
C2B HEM K . -16.68 -28.25 -18.41
C3B HEM K . -15.87 -27.16 -18.67
C4B HEM K . -16.67 -26.03 -18.49
CMB HEM K . -16.32 -29.76 -18.46
CAB HEM K . -14.37 -27.20 -18.95
CBB HEM K . -13.97 -28.11 -20.14
C1C HEM K . -17.00 -23.52 -18.38
C2C HEM K . -16.51 -22.21 -18.37
C3C HEM K . -17.57 -21.35 -18.08
C4C HEM K . -18.68 -22.19 -17.90
CMC HEM K . -15.06 -21.83 -18.65
CAC HEM K . -17.41 -19.85 -17.89
CBC HEM K . -16.90 -19.02 -19.08
C1D HEM K . -21.16 -22.57 -17.63
C2D HEM K . -22.47 -22.10 -17.57
C3D HEM K . -23.33 -23.18 -17.65
C4D HEM K . -22.52 -24.30 -17.75
CMD HEM K . -22.88 -20.62 -17.45
CAD HEM K . -24.88 -23.16 -17.66
CBD HEM K . -25.37 -22.86 -19.10
CGD HEM K . -26.76 -22.21 -19.15
O1D HEM K . -27.70 -22.83 -18.59
O2D HEM K . -26.87 -21.11 -19.76
NA HEM K . -20.84 -26.85 -17.83
NB HEM K . -17.92 -26.42 -18.18
NC HEM K . -18.31 -23.48 -18.09
ND HEM K . -21.23 -23.91 -17.74
FE HEM K . -19.60 -25.19 -17.93
#